data_7V55
#
_entry.id   7V55
#
_cell.length_a   83.566
_cell.length_b   83.566
_cell.length_c   242.335
_cell.angle_alpha   90.000
_cell.angle_beta   90.000
_cell.angle_gamma   120.000
#
_symmetry.space_group_name_H-M   'P 31 2 1'
#
loop_
_entity.id
_entity.type
_entity.pdbx_description
1 polymer 'Phospholipase D'
2 non-polymer 'CALCIUM ION'
3 water water
#
_entity_poly.entity_id   1
_entity_poly.type   'polypeptide(L)'
_entity_poly.pdbx_seq_one_letter_code
;MLQKKPYNGLHEKELNQINQQDGSPCVAISAPGCFIKGSNLFSEKRAGNRVRFFTTGRDYFSDLASALDSASSSIFITGW
QVNYDVLLDGRRSLWQCLRQALERSPALKVYVMPWLSPSGSLGTYDFETMLAVFQLNAGLEGGARAFCTPAIQQSDMQGL
GVAFSHHQKSVVIDNRIGYVGGIDLAYGRRDDNDFSLDASGRRGNDAYNPGLPHLGWMAEDEHVSSMGLMMATLFDLSRP
LASLTLHAPTLRLSPFPHIAASDEPLLSIPLAPSRARALNGAAYLSDLFRSPMLPSLQWLGRAYNSSKEGLDEGFERLDA
LRRQMVASSIRAIANLIADNLDALPIEPELERRLRAWLEELRTAALNLPEALRIKSLLLINQWMSETELGQVLTLISGKG
FEDIPQNLSGKAGELAGSLFWTLHRLMQARAGGHQQPYRYLDEAPQPLASPDNARLAADQPRMPWQDVHCRIEGPSVYDL
ARNFIDRWNGQQAYLAKTPALQDTALVRSALEAVMKWLNSLAAAAGLENYLDEKRNLRLELDPPTPCWINAPEQLPQEPE
VRRGGMTVQVLRSAAARMLEQEQAGRLGAGVNLPLQVGVSTEGVQSNCKDAMLLAISGAQQFIYIENQFFQSEFGKEGEV
FKDLPLSGPMASLRDVGSLRRDFVVRIRLEEALEQRDLWLLDWAEVEKIAQEPGTEARQFLKSMLAMWGVNAQGWLTHKL
GEAQHGLLNEIGEALARRIERAIQREHPFHVYLVLPVHPEGALNVPNIMHQVHLTQQSLVFGEQSLVKRIQRQMALKALE
GKSDPAQAREIIERKDARGRPVYEQQDWSRYLTLLNLRTWAVLGGRVVTEQIYVHSKLLIADDRVAILGSANINDRSLQG
ERDSELAVMVRDSEPLTVRLDGKNDAIVGKAIHQLRVNLWKKHFGLSQGPGGFVKPASELSAYLSIPAAQEAWEAIQTLA
KENTRAYERTFNFIPQNISQTQLQLTPEPPKGFEDGFPASIWPTWAYRKPGELRAGGQLMEPMPYQEIFWRSSNLTSVKT
FPPPNGVSGFITALPTSWTRGERNDSGLNLSILAHQDSRSLPTQVAMNGDSSAQGKHRT
;
_entity_poly.pdbx_strand_id   A
#
# COMPACT_ATOMS: atom_id res chain seq x y z
N SER A 39 -6.81 22.98 -7.86
CA SER A 39 -5.63 23.18 -8.69
C SER A 39 -4.57 23.92 -7.91
N ASN A 40 -4.22 23.36 -6.76
CA ASN A 40 -3.13 23.87 -5.93
C ASN A 40 -1.88 23.06 -6.25
N LEU A 41 -1.19 23.47 -7.29
CA LEU A 41 -0.06 22.72 -7.76
C LEU A 41 1.12 22.94 -6.83
N PHE A 42 1.80 21.85 -6.46
CA PHE A 42 3.06 21.98 -5.72
C PHE A 42 4.23 22.37 -6.61
N SER A 43 4.24 21.92 -7.85
CA SER A 43 5.17 22.39 -8.88
C SER A 43 4.47 22.23 -10.21
N GLU A 44 5.21 22.54 -11.28
CA GLU A 44 4.71 22.44 -12.63
C GLU A 44 5.79 21.81 -13.51
N LYS A 45 5.36 21.05 -14.51
CA LYS A 45 6.24 20.40 -15.48
C LYS A 45 7.51 21.20 -15.79
N ARG A 46 8.63 20.50 -15.89
CA ARG A 46 9.87 21.06 -16.41
C ARG A 46 10.47 20.06 -17.38
N ALA A 47 10.86 20.55 -18.55
CA ALA A 47 11.57 19.71 -19.49
C ALA A 47 13.04 19.58 -19.07
N GLY A 48 13.75 18.69 -19.77
CA GLY A 48 15.18 18.60 -19.62
C GLY A 48 15.67 17.64 -18.57
N ASN A 49 14.81 16.81 -18.04
CA ASN A 49 15.22 15.90 -16.97
C ASN A 49 15.70 14.59 -17.53
N ARG A 50 16.63 13.97 -16.79
CA ARG A 50 17.10 12.62 -17.07
C ARG A 50 16.64 11.70 -15.92
N VAL A 51 15.88 10.65 -16.26
CA VAL A 51 15.22 9.78 -15.29
C VAL A 51 15.66 8.34 -15.51
N ARG A 52 16.02 7.65 -14.42
CA ARG A 52 16.35 6.24 -14.46
C ARG A 52 15.40 5.50 -13.54
N PHE A 53 14.63 4.58 -14.10
CA PHE A 53 13.69 3.82 -13.30
C PHE A 53 14.37 2.61 -12.68
N PHE A 54 13.94 2.27 -11.46
CA PHE A 54 14.44 1.13 -10.69
C PHE A 54 13.31 0.13 -10.56
N THR A 55 13.46 -1.03 -11.20
CA THR A 55 12.40 -2.03 -11.18
C THR A 55 12.65 -3.09 -10.13
N THR A 56 13.71 -2.96 -9.34
CA THR A 56 13.96 -3.86 -8.23
C THR A 56 14.46 -3.08 -7.03
N GLY A 57 14.17 -3.62 -5.85
CA GLY A 57 14.77 -3.07 -4.64
C GLY A 57 16.27 -3.00 -4.74
N ARG A 58 16.91 -4.11 -5.11
CA ARG A 58 18.37 -4.16 -5.08
C ARG A 58 18.97 -3.04 -5.96
N ASP A 59 18.35 -2.75 -7.11
CA ASP A 59 18.81 -1.68 -7.99
C ASP A 59 18.90 -0.36 -7.26
N TYR A 60 17.75 0.11 -6.77
CA TYR A 60 17.72 1.38 -6.08
C TYR A 60 18.77 1.42 -4.99
N PHE A 61 18.78 0.42 -4.12
CA PHE A 61 19.68 0.45 -2.98
C PHE A 61 21.12 0.57 -3.46
N SER A 62 21.45 -0.13 -4.54
CA SER A 62 22.83 -0.12 -5.02
C SER A 62 23.16 1.22 -5.65
N ASP A 63 22.20 1.81 -6.35
CA ASP A 63 22.43 3.12 -6.94
C ASP A 63 22.52 4.18 -5.87
N LEU A 64 21.81 4.00 -4.77
CA LEU A 64 21.85 4.96 -3.69
C LEU A 64 23.25 5.02 -3.09
N ALA A 65 23.82 3.87 -2.79
CA ALA A 65 25.16 3.81 -2.21
C ALA A 65 26.15 4.56 -3.08
N SER A 66 26.13 4.26 -4.39
CA SER A 66 27.04 4.91 -5.31
C SER A 66 26.80 6.40 -5.36
N ALA A 67 25.56 6.85 -5.15
CA ALA A 67 25.28 8.27 -5.06
C ALA A 67 25.91 8.90 -3.82
N LEU A 68 25.69 8.28 -2.65
CA LEU A 68 26.29 8.76 -1.41
C LEU A 68 27.80 8.72 -1.47
N ASP A 69 28.37 7.83 -2.28
CA ASP A 69 29.81 7.84 -2.41
C ASP A 69 30.30 9.12 -3.06
N SER A 70 29.40 9.93 -3.63
CA SER A 70 29.74 11.12 -4.39
C SER A 70 29.25 12.40 -3.71
N ALA A 71 28.76 12.32 -2.49
CA ALA A 71 28.16 13.48 -1.87
C ALA A 71 29.25 14.42 -1.40
N SER A 72 28.89 15.70 -1.29
CA SER A 72 29.89 16.70 -0.99
C SER A 72 29.28 17.83 -0.18
N SER A 73 28.15 18.37 -0.63
CA SER A 73 27.51 19.45 0.11
C SER A 73 26.48 18.91 1.09
N SER A 74 25.50 18.15 0.60
CA SER A 74 24.34 17.90 1.43
C SER A 74 23.67 16.60 1.07
N ILE A 75 23.06 15.97 2.07
CA ILE A 75 22.32 14.72 1.94
C ILE A 75 21.00 14.86 2.66
N PHE A 76 19.92 15.01 1.90
CA PHE A 76 18.56 15.06 2.43
C PHE A 76 17.92 13.68 2.32
N ILE A 77 17.50 13.10 3.47
CA ILE A 77 16.77 11.83 3.51
C ILE A 77 15.43 12.02 4.21
N THR A 78 14.38 11.42 3.66
CA THR A 78 13.11 11.37 4.37
C THR A 78 12.30 10.15 3.94
N GLY A 79 11.58 9.57 4.88
CA GLY A 79 10.83 8.37 4.58
C GLY A 79 9.84 8.05 5.67
N TRP A 80 8.91 7.17 5.32
CA TRP A 80 7.96 6.70 6.31
C TRP A 80 8.67 5.82 7.34
N GLN A 81 9.77 5.18 6.97
CA GLN A 81 10.52 4.36 7.92
C GLN A 81 11.95 4.28 7.41
N VAL A 82 12.92 4.48 8.31
CA VAL A 82 14.34 4.50 7.95
C VAL A 82 15.12 3.63 8.93
N ASN A 83 15.46 2.42 8.50
CA ASN A 83 16.31 1.54 9.30
C ASN A 83 17.74 1.78 8.87
N TYR A 84 18.51 2.43 9.74
CA TYR A 84 19.88 2.79 9.44
C TYR A 84 20.74 1.58 9.13
N ASP A 85 20.21 0.38 9.31
CA ASP A 85 21.03 -0.82 9.26
C ASP A 85 20.86 -1.63 7.98
N VAL A 86 20.03 -1.19 7.02
CA VAL A 86 19.86 -1.95 5.79
C VAL A 86 21.11 -1.90 4.93
N LEU A 87 21.50 -3.05 4.43
CA LEU A 87 22.62 -3.08 3.52
C LEU A 87 22.17 -2.55 2.17
N LEU A 88 22.89 -1.55 1.66
CA LEU A 88 22.55 -0.93 0.38
C LEU A 88 23.18 -1.66 -0.79
N ASP A 89 24.49 -1.92 -0.71
CA ASP A 89 25.19 -2.72 -1.72
C ASP A 89 25.56 -4.08 -1.15
N GLY A 90 24.67 -4.64 -0.33
CA GLY A 90 24.87 -5.93 0.32
C GLY A 90 26.19 -6.03 1.04
N ARG A 91 26.72 -4.92 1.52
CA ARG A 91 27.95 -4.97 2.31
C ARG A 91 27.95 -3.83 3.33
N ARG A 92 27.55 -2.64 2.93
CA ARG A 92 27.52 -1.46 3.78
C ARG A 92 26.09 -1.08 4.18
N SER A 93 25.90 -0.84 5.46
CA SER A 93 24.69 -0.20 5.95
C SER A 93 24.59 1.23 5.47
N LEU A 94 23.35 1.69 5.27
CA LEU A 94 23.08 3.11 5.13
C LEU A 94 23.93 3.94 6.08
N TRP A 95 23.93 3.55 7.35
CA TRP A 95 24.71 4.28 8.33
C TRP A 95 26.17 4.36 7.90
N GLN A 96 26.72 3.27 7.35
CA GLN A 96 28.13 3.29 7.00
C GLN A 96 28.38 4.23 5.84
N CYS A 97 27.53 4.15 4.80
CA CYS A 97 27.64 5.08 3.68
C CYS A 97 27.56 6.52 4.15
N LEU A 98 26.61 6.79 5.06
CA LEU A 98 26.48 8.12 5.64
C LEU A 98 27.74 8.50 6.39
N ARG A 99 28.31 7.56 7.13
CA ARG A 99 29.53 7.84 7.86
C ARG A 99 30.71 8.05 6.91
N GLN A 100 30.98 7.06 6.06
CA GLN A 100 32.02 7.18 5.04
C GLN A 100 31.94 8.50 4.27
N ALA A 101 30.72 9.02 4.08
CA ALA A 101 30.51 10.28 3.37
C ALA A 101 30.82 11.49 4.24
N LEU A 102 30.39 11.47 5.51
CA LEU A 102 30.74 12.57 6.41
C LEU A 102 32.24 12.67 6.58
N GLU A 103 32.91 11.52 6.68
CA GLU A 103 34.35 11.55 6.86
C GLU A 103 35.04 12.06 5.59
N ARG A 104 34.56 11.67 4.41
CA ARG A 104 35.21 12.12 3.18
C ARG A 104 35.01 13.62 2.97
N SER A 105 33.76 14.06 2.83
CA SER A 105 33.45 15.42 2.43
C SER A 105 33.33 16.30 3.67
N PRO A 106 34.32 17.14 3.99
CA PRO A 106 34.32 17.84 5.28
C PRO A 106 33.21 18.87 5.45
N ALA A 107 32.56 19.29 4.35
CA ALA A 107 31.44 20.21 4.38
C ALA A 107 30.10 19.50 4.37
N LEU A 108 30.08 18.17 4.34
CA LEU A 108 28.85 17.45 4.08
C LEU A 108 27.94 17.54 5.29
N LYS A 109 26.79 18.13 5.10
CA LYS A 109 25.76 18.19 6.12
C LYS A 109 24.72 17.12 5.77
N VAL A 110 24.19 16.43 6.77
CA VAL A 110 23.39 15.23 6.51
C VAL A 110 22.10 15.33 7.30
N TYR A 111 20.96 15.24 6.63
CA TYR A 111 19.68 15.57 7.24
C TYR A 111 18.65 14.44 7.06
N VAL A 112 18.24 13.82 8.17
CA VAL A 112 17.22 12.77 8.17
C VAL A 112 15.91 13.31 8.71
N MET A 113 14.81 12.97 8.06
CA MET A 113 13.48 13.39 8.49
C MET A 113 12.57 12.17 8.53
N PRO A 114 12.83 11.24 9.42
CA PRO A 114 11.94 10.09 9.55
C PRO A 114 10.59 10.52 10.09
N TRP A 115 9.56 9.68 9.85
CA TRP A 115 8.26 9.95 10.42
C TRP A 115 8.29 9.57 11.89
N LEU A 116 7.44 10.24 12.70
CA LEU A 116 7.43 10.07 14.16
C LEU A 116 6.25 9.18 14.59
N SER A 117 6.53 7.89 14.73
CA SER A 117 5.48 6.93 15.10
C SER A 117 5.06 7.15 16.53
N PRO A 118 3.76 7.36 16.80
CA PRO A 118 3.20 7.37 18.16
C PRO A 118 3.51 6.09 18.93
N ASP A 126 12.56 5.96 16.74
CA ASP A 126 12.23 6.55 18.03
C ASP A 126 13.51 7.10 18.69
N PHE A 127 13.96 6.42 19.74
CA PHE A 127 15.29 6.64 20.28
C PHE A 127 16.35 6.22 19.27
N GLU A 128 16.04 5.18 18.49
CA GLU A 128 16.98 4.59 17.53
C GLU A 128 17.54 5.63 16.58
N THR A 129 16.67 6.47 16.03
CA THR A 129 17.12 7.39 15.00
C THR A 129 18.04 8.45 15.58
N MET A 130 17.65 9.07 16.70
CA MET A 130 18.50 10.10 17.29
C MET A 130 19.84 9.50 17.68
N LEU A 131 19.81 8.29 18.27
CA LEU A 131 21.05 7.60 18.66
C LEU A 131 21.95 7.37 17.46
N ALA A 132 21.39 6.82 16.38
CA ALA A 132 22.19 6.62 15.19
C ALA A 132 22.77 7.94 14.69
N VAL A 133 21.96 8.99 14.64
CA VAL A 133 22.50 10.27 14.22
C VAL A 133 23.57 10.73 15.20
N PHE A 134 23.29 10.60 16.49
CA PHE A 134 24.33 10.91 17.47
C PHE A 134 25.60 10.17 17.10
N GLN A 135 25.47 8.89 16.78
CA GLN A 135 26.65 8.12 16.45
C GLN A 135 27.31 8.60 15.16
N LEU A 136 26.58 9.23 14.24
CA LEU A 136 27.23 9.73 13.05
C LEU A 136 28.11 10.94 13.36
N ASN A 137 27.68 11.79 14.29
CA ASN A 137 28.48 12.95 14.67
C ASN A 137 29.62 12.57 15.62
N ALA A 138 29.62 11.35 16.12
CA ALA A 138 30.59 10.94 17.15
C ALA A 138 32.02 11.02 16.61
N GLY A 139 32.89 11.71 17.35
CA GLY A 139 34.28 11.86 16.95
C GLY A 139 34.50 12.67 15.70
N LEU A 140 33.51 13.43 15.27
CA LEU A 140 33.60 14.10 13.98
C LEU A 140 34.62 15.23 14.04
N GLU A 141 34.92 15.77 12.87
CA GLU A 141 35.74 16.96 12.79
C GLU A 141 34.87 18.17 13.09
N GLY A 142 35.19 18.84 14.19
CA GLY A 142 34.42 20.00 14.56
C GLY A 142 33.07 19.60 15.10
N GLY A 143 32.09 20.48 14.90
CA GLY A 143 30.76 20.26 15.40
C GLY A 143 30.07 19.11 14.70
N ALA A 144 28.82 18.89 15.11
CA ALA A 144 27.96 17.92 14.44
C ALA A 144 27.65 18.41 13.05
N ARG A 145 27.69 17.49 12.08
CA ARG A 145 27.28 17.79 10.72
C ARG A 145 26.09 16.97 10.27
N ALA A 146 25.54 16.09 11.11
CA ALA A 146 24.40 15.28 10.75
C ALA A 146 23.30 15.49 11.76
N PHE A 147 22.09 15.71 11.26
CA PHE A 147 20.94 16.16 12.03
C PHE A 147 19.71 15.33 11.71
N CYS A 148 18.84 15.20 12.70
CA CYS A 148 17.57 14.50 12.56
C CYS A 148 16.47 15.46 12.98
N THR A 149 15.23 15.05 12.82
CA THR A 149 14.03 15.84 13.05
C THR A 149 12.87 14.91 12.80
N PRO A 150 12.41 14.13 13.78
CA PRO A 150 11.24 13.29 13.54
C PRO A 150 10.05 14.18 13.16
N ALA A 151 9.35 13.79 12.12
CA ALA A 151 8.35 14.66 11.51
C ALA A 151 7.01 14.24 12.05
N ILE A 152 6.42 15.08 12.86
CA ILE A 152 5.08 14.78 13.34
C ILE A 152 4.08 15.08 12.24
N GLN A 153 3.04 14.26 12.17
CA GLN A 153 2.01 14.43 11.17
C GLN A 153 1.45 15.85 11.22
N GLN A 154 0.90 16.28 10.09
CA GLN A 154 0.45 17.65 9.91
C GLN A 154 -0.84 17.66 9.12
N SER A 155 -1.65 16.62 9.31
CA SER A 155 -2.87 16.40 8.56
C SER A 155 -4.00 17.30 9.05
N ASP A 156 -5.04 17.40 8.23
CA ASP A 156 -6.20 18.20 8.59
C ASP A 156 -7.26 17.39 9.26
N MET A 157 -6.89 16.40 10.06
CA MET A 157 -7.88 15.42 10.49
C MET A 157 -8.30 15.56 11.96
N GLN A 158 -7.93 16.67 12.62
CA GLN A 158 -8.34 17.01 13.99
C GLN A 158 -7.98 15.82 14.88
N GLY A 159 -8.87 15.37 15.77
CA GLY A 159 -8.55 14.36 16.75
C GLY A 159 -8.26 13.01 16.13
N LEU A 160 -8.70 12.79 14.90
CA LEU A 160 -8.25 11.64 14.13
C LEU A 160 -6.81 11.81 13.63
N GLY A 161 -6.17 12.95 13.86
CA GLY A 161 -4.88 13.24 13.27
C GLY A 161 -3.73 12.36 13.75
N VAL A 162 -3.89 11.67 14.87
CA VAL A 162 -2.79 10.83 15.32
C VAL A 162 -2.55 9.68 14.35
N ALA A 163 -3.61 9.23 13.67
CA ALA A 163 -3.62 8.05 12.82
C ALA A 163 -3.07 8.29 11.41
N PHE A 164 -2.45 9.43 11.15
CA PHE A 164 -1.88 9.66 9.84
C PHE A 164 -0.40 9.97 9.97
N SER A 165 0.31 9.88 8.83
CA SER A 165 1.76 9.85 8.81
C SER A 165 2.29 10.77 7.70
N HIS A 166 3.62 10.79 7.54
CA HIS A 166 4.29 11.33 6.37
C HIS A 166 4.86 10.16 5.56
N HIS A 167 4.28 9.91 4.40
CA HIS A 167 4.51 8.70 3.62
C HIS A 167 5.54 8.88 2.51
N GLN A 168 6.00 10.11 2.30
CA GLN A 168 7.01 10.40 1.29
C GLN A 168 8.24 9.50 1.43
N LYS A 169 8.76 9.04 0.29
CA LYS A 169 9.99 8.27 0.20
C LYS A 169 10.93 9.09 -0.68
N SER A 170 11.65 10.03 -0.10
CA SER A 170 12.54 10.87 -0.88
C SER A 170 13.94 10.98 -0.29
N VAL A 171 14.93 11.07 -1.19
CA VAL A 171 16.34 11.27 -0.84
C VAL A 171 16.92 12.22 -1.89
N VAL A 172 17.67 13.24 -1.47
CA VAL A 172 18.23 14.22 -2.39
C VAL A 172 19.67 14.53 -2.02
N ILE A 173 20.56 14.49 -3.00
CA ILE A 173 22.00 14.47 -2.77
C ILE A 173 22.64 15.65 -3.51
N ASP A 174 23.31 16.53 -2.76
CA ASP A 174 23.94 17.74 -3.32
C ASP A 174 22.97 18.54 -4.21
N ASN A 175 21.69 18.41 -3.95
CA ASN A 175 20.65 19.03 -4.77
C ASN A 175 20.89 18.80 -6.26
N ARG A 176 21.40 17.61 -6.59
CA ARG A 176 21.81 17.28 -7.94
C ARG A 176 21.26 15.92 -8.36
N ILE A 177 21.11 15.00 -7.40
CA ILE A 177 20.50 13.69 -7.68
C ILE A 177 19.31 13.52 -6.75
N GLY A 178 18.13 13.29 -7.33
CA GLY A 178 16.93 13.13 -6.54
C GLY A 178 16.29 11.77 -6.72
N TYR A 179 15.95 11.08 -5.63
CA TYR A 179 15.20 9.84 -5.66
C TYR A 179 13.79 10.07 -5.11
N VAL A 180 12.87 9.21 -5.55
CA VAL A 180 11.46 9.31 -5.23
C VAL A 180 10.86 8.02 -5.72
N GLY A 181 9.77 7.57 -5.12
CA GLY A 181 9.18 6.31 -5.50
C GLY A 181 8.42 5.72 -4.33
N GLY A 182 8.27 4.40 -4.37
CA GLY A 182 7.56 3.69 -3.33
C GLY A 182 8.43 3.01 -2.30
N ILE A 183 9.74 3.00 -2.47
CA ILE A 183 10.64 2.20 -1.64
C ILE A 183 11.19 3.06 -0.51
N ASP A 184 10.86 2.69 0.74
CA ASP A 184 11.60 3.25 1.85
C ASP A 184 12.93 2.53 1.98
N LEU A 185 13.81 3.10 2.80
CA LEU A 185 15.09 2.46 3.11
C LEU A 185 14.91 1.59 4.36
N ALA A 186 14.21 0.47 4.20
CA ALA A 186 13.77 -0.31 5.36
C ALA A 186 13.91 -1.82 5.10
N TYR A 187 13.84 -2.61 6.18
CA TYR A 187 14.01 -4.06 6.05
C TYR A 187 12.99 -4.66 5.11
N GLY A 188 13.41 -5.70 4.40
CA GLY A 188 12.53 -6.39 3.48
C GLY A 188 12.39 -5.73 2.14
N ARG A 189 13.03 -4.58 1.90
CA ARG A 189 12.82 -3.89 0.64
C ARG A 189 13.76 -4.39 -0.45
N ARG A 190 15.01 -4.67 -0.09
CA ARG A 190 15.98 -5.15 -1.07
C ARG A 190 15.54 -6.46 -1.67
N ASP A 191 15.30 -6.50 -2.99
CA ASP A 191 14.86 -7.70 -3.68
C ASP A 191 15.12 -7.58 -5.18
N ASP A 192 15.30 -8.74 -5.82
CA ASP A 192 15.66 -8.81 -7.23
C ASP A 192 14.47 -9.33 -8.01
N ASN A 193 14.74 -9.78 -9.24
CA ASN A 193 13.74 -10.41 -10.08
C ASN A 193 13.59 -11.91 -9.84
N ASP A 194 14.40 -12.52 -8.98
CA ASP A 194 14.10 -13.91 -8.73
C ASP A 194 12.91 -14.07 -7.80
N PHE A 195 12.63 -13.09 -6.95
CA PHE A 195 11.53 -13.21 -6.00
C PHE A 195 11.71 -14.45 -5.14
N SER A 196 12.94 -14.66 -4.66
CA SER A 196 13.22 -15.90 -3.96
C SER A 196 12.48 -15.94 -2.62
N LEU A 197 12.24 -17.15 -2.13
CA LEU A 197 11.58 -17.30 -0.84
C LEU A 197 12.55 -17.70 0.27
N ASP A 198 13.83 -17.90 -0.04
CA ASP A 198 14.78 -18.43 0.92
C ASP A 198 15.24 -17.34 1.88
N ALA A 199 14.46 -17.14 2.95
CA ALA A 199 14.82 -16.12 3.94
C ALA A 199 16.23 -16.29 4.50
N SER A 200 16.78 -17.51 4.45
CA SER A 200 17.99 -17.82 5.20
C SER A 200 19.19 -16.99 4.78
N GLY A 201 19.13 -16.33 3.62
CA GLY A 201 20.26 -15.58 3.10
C GLY A 201 20.45 -14.20 3.69
N ARG A 202 19.42 -13.65 4.32
CA ARG A 202 19.51 -12.38 4.99
C ARG A 202 19.52 -12.57 6.48
N ARG A 203 19.97 -11.55 7.21
CA ARG A 203 19.91 -11.61 8.65
C ARG A 203 19.13 -10.42 9.20
N GLY A 204 18.70 -10.58 10.44
CA GLY A 204 17.92 -9.56 11.07
C GLY A 204 16.53 -9.61 10.51
N ASN A 205 15.80 -8.51 10.72
CA ASN A 205 14.46 -8.42 10.17
C ASN A 205 14.47 -8.24 8.67
N ASP A 206 15.62 -8.30 8.02
CA ASP A 206 15.62 -8.37 6.56
C ASP A 206 15.15 -9.73 6.05
N ALA A 207 15.12 -10.74 6.92
CA ALA A 207 14.31 -11.93 6.70
C ALA A 207 12.83 -11.57 6.89
N TYR A 208 12.28 -10.75 6.01
CA TYR A 208 10.99 -10.15 6.25
C TYR A 208 9.84 -11.11 5.95
N ASN A 209 8.83 -11.12 6.81
CA ASN A 209 7.53 -11.70 6.52
C ASN A 209 6.57 -11.46 7.67
N PRO A 210 5.76 -10.41 7.60
CA PRO A 210 4.87 -10.08 8.71
C PRO A 210 3.64 -10.97 8.84
N GLY A 211 3.46 -11.98 8.01
CA GLY A 211 2.26 -12.77 8.12
C GLY A 211 2.46 -14.10 8.78
N LEU A 212 3.68 -14.37 9.24
CA LEU A 212 4.17 -15.66 9.66
C LEU A 212 4.75 -15.58 11.06
N PRO A 213 4.43 -16.55 11.91
CA PRO A 213 5.17 -16.68 13.17
C PRO A 213 6.62 -17.04 12.89
N HIS A 214 7.54 -16.42 13.63
CA HIS A 214 8.98 -16.61 13.40
C HIS A 214 9.51 -17.68 14.33
N LEU A 215 9.77 -18.88 13.79
CA LEU A 215 10.03 -20.04 14.61
C LEU A 215 11.45 -20.58 14.46
N GLY A 216 12.36 -19.79 13.88
CA GLY A 216 13.77 -20.09 13.88
C GLY A 216 14.53 -19.23 14.87
N TRP A 217 15.85 -19.26 14.76
CA TRP A 217 16.69 -18.53 15.71
C TRP A 217 17.85 -17.85 15.01
N MET A 218 18.27 -16.72 15.55
CA MET A 218 19.47 -16.04 15.10
C MET A 218 20.65 -16.51 15.94
N ALA A 219 21.66 -17.06 15.28
CA ALA A 219 22.98 -17.24 15.89
C ALA A 219 23.78 -15.96 15.68
N GLU A 220 24.34 -15.43 16.77
CA GLU A 220 25.12 -14.20 16.70
C GLU A 220 26.34 -14.37 15.79
N ASP A 452 13.59 -10.81 21.04
CA ASP A 452 14.34 -12.01 21.36
C ASP A 452 15.31 -12.30 20.23
N ASN A 453 15.54 -13.57 19.94
CA ASN A 453 16.42 -13.95 18.84
C ASN A 453 15.69 -14.86 17.85
N ALA A 454 14.43 -14.53 17.55
CA ALA A 454 13.70 -15.29 16.54
C ALA A 454 13.91 -14.70 15.15
N ARG A 455 13.65 -15.53 14.15
CA ARG A 455 13.80 -15.17 12.75
C ARG A 455 13.08 -16.22 11.92
N LEU A 456 13.15 -16.09 10.62
CA LEU A 456 12.40 -17.00 9.76
C LEU A 456 13.14 -18.33 9.69
N ALA A 457 12.55 -19.38 10.27
CA ALA A 457 13.10 -20.73 10.18
C ALA A 457 13.44 -21.06 8.74
N ALA A 458 14.43 -21.94 8.58
CA ALA A 458 14.92 -22.24 7.23
C ALA A 458 13.78 -22.61 6.29
N ASP A 459 12.84 -23.43 6.76
CA ASP A 459 11.71 -23.87 5.97
C ASP A 459 10.62 -22.80 5.83
N GLN A 460 10.77 -21.66 6.50
CA GLN A 460 9.78 -20.61 6.33
C GLN A 460 10.20 -19.60 5.26
N PRO A 461 9.24 -19.12 4.44
CA PRO A 461 9.59 -18.26 3.32
C PRO A 461 9.55 -16.78 3.69
N ARG A 462 10.49 -16.06 3.09
CA ARG A 462 10.45 -14.62 3.01
C ARG A 462 9.13 -14.18 2.34
N MET A 463 8.79 -12.90 2.50
CA MET A 463 7.78 -12.34 1.61
C MET A 463 8.45 -11.38 0.62
N PRO A 464 8.43 -11.68 -0.67
CA PRO A 464 9.19 -10.87 -1.63
C PRO A 464 8.57 -9.51 -1.89
N TRP A 465 9.41 -8.56 -2.30
CA TRP A 465 9.02 -7.17 -2.43
C TRP A 465 9.12 -6.74 -3.89
N GLN A 466 7.98 -6.40 -4.48
CA GLN A 466 7.92 -5.80 -5.80
C GLN A 466 7.57 -4.33 -5.66
N ASP A 467 8.48 -3.46 -6.06
CA ASP A 467 8.23 -2.04 -5.87
C ASP A 467 8.85 -1.34 -7.06
N VAL A 468 8.52 -0.05 -7.21
CA VAL A 468 9.02 0.79 -8.29
C VAL A 468 9.50 2.12 -7.72
N HIS A 469 10.66 2.57 -8.20
CA HIS A 469 11.32 3.79 -7.73
C HIS A 469 12.03 4.40 -8.95
N CYS A 470 12.68 5.55 -8.74
CA CYS A 470 13.35 6.22 -9.85
C CYS A 470 14.31 7.28 -9.32
N ARG A 471 15.39 7.50 -10.06
CA ARG A 471 16.36 8.56 -9.83
C ARG A 471 16.11 9.65 -10.86
N ILE A 472 16.39 10.90 -10.51
CA ILE A 472 16.09 12.02 -11.41
C ILE A 472 17.23 13.01 -11.39
N GLU A 473 17.67 13.43 -12.57
CA GLU A 473 18.54 14.58 -12.71
C GLU A 473 17.86 15.60 -13.64
N GLY A 474 18.29 16.85 -13.53
CA GLY A 474 17.68 17.93 -14.27
C GLY A 474 17.00 18.97 -13.39
N PRO A 475 16.24 19.88 -14.02
CA PRO A 475 15.61 20.96 -13.26
C PRO A 475 14.66 20.49 -12.17
N SER A 476 13.97 19.37 -12.35
CA SER A 476 12.93 19.05 -11.39
C SER A 476 13.48 18.65 -10.03
N VAL A 477 14.76 18.33 -9.91
CA VAL A 477 15.31 18.03 -8.58
C VAL A 477 15.13 19.22 -7.65
N TYR A 478 15.18 20.44 -8.21
CA TYR A 478 14.82 21.65 -7.48
C TYR A 478 13.51 21.48 -6.70
N ASP A 479 12.45 21.01 -7.35
CA ASP A 479 11.17 20.86 -6.66
C ASP A 479 11.24 19.77 -5.60
N LEU A 480 12.07 18.75 -5.79
CA LEU A 480 12.28 17.74 -4.76
C LEU A 480 13.00 18.32 -3.55
N ALA A 481 14.07 19.09 -3.80
CA ALA A 481 14.76 19.75 -2.70
C ALA A 481 13.83 20.71 -2.00
N ARG A 482 13.05 21.46 -2.78
CA ARG A 482 12.16 22.41 -2.14
C ARG A 482 11.21 21.69 -1.22
N ASN A 483 10.71 20.54 -1.63
CA ASN A 483 9.86 19.76 -0.73
C ASN A 483 10.60 19.36 0.54
N PHE A 484 11.87 18.99 0.42
CA PHE A 484 12.56 18.58 1.63
C PHE A 484 12.81 19.77 2.55
N ILE A 485 13.37 20.86 2.01
CA ILE A 485 13.81 21.96 2.86
C ILE A 485 12.61 22.63 3.52
N ASP A 486 11.62 23.02 2.73
CA ASP A 486 10.43 23.63 3.28
C ASP A 486 9.76 22.73 4.31
N ARG A 487 9.86 21.41 4.14
CA ARG A 487 9.25 20.50 5.10
C ARG A 487 10.06 20.45 6.39
N TRP A 488 11.38 20.49 6.24
CA TRP A 488 12.26 20.51 7.40
C TRP A 488 12.06 21.78 8.18
N ASN A 489 12.22 22.92 7.49
CA ASN A 489 12.09 24.19 8.17
C ASN A 489 10.69 24.37 8.72
N GLY A 490 9.73 23.57 8.24
CA GLY A 490 8.40 23.66 8.80
C GLY A 490 8.32 23.06 10.19
N GLN A 491 8.79 21.82 10.34
CA GLN A 491 8.74 21.15 11.63
C GLN A 491 9.64 21.84 12.63
N GLN A 492 10.62 22.62 12.16
CA GLN A 492 11.49 23.32 13.09
C GLN A 492 10.75 24.46 13.78
N ALA A 493 10.03 25.28 13.01
CA ALA A 493 9.24 26.36 13.57
C ALA A 493 8.26 25.85 14.61
N TYR A 494 7.99 24.56 14.60
CA TYR A 494 7.05 23.92 15.51
C TYR A 494 7.75 22.82 16.29
N LEU A 495 9.08 22.82 16.28
CA LEU A 495 9.85 21.82 17.00
C LEU A 495 9.55 21.86 18.47
N ALA A 496 9.10 23.02 18.96
CA ALA A 496 8.66 23.21 20.34
C ALA A 496 7.83 22.04 20.86
N LYS A 497 8.39 21.29 21.83
CA LYS A 497 7.75 20.08 22.35
C LYS A 497 6.43 20.36 23.06
N THR A 498 6.23 21.59 23.56
CA THR A 498 4.99 22.01 24.22
C THR A 498 4.28 23.09 23.41
N PRO A 499 2.95 23.02 23.31
CA PRO A 499 2.19 24.17 22.78
C PRO A 499 2.56 25.50 23.38
N ALA A 500 3.06 25.51 24.62
CA ALA A 500 3.34 26.76 25.29
C ALA A 500 4.60 27.44 24.74
N LEU A 501 5.73 26.75 24.82
CA LEU A 501 6.99 27.27 24.28
C LEU A 501 6.87 27.71 22.84
N GLN A 502 5.86 27.24 22.12
CA GLN A 502 5.81 27.41 20.67
C GLN A 502 5.55 28.86 20.26
N ASP A 503 4.80 29.64 21.06
CA ASP A 503 4.68 31.07 20.75
C ASP A 503 6.00 31.80 20.99
N THR A 504 6.77 31.34 21.98
CA THR A 504 8.06 31.97 22.25
C THR A 504 9.06 31.70 21.13
N ALA A 505 8.92 30.57 20.44
CA ALA A 505 9.78 30.27 19.30
C ALA A 505 9.42 31.12 18.09
N LEU A 506 8.13 31.37 17.87
CA LEU A 506 7.63 32.20 16.77
C LEU A 506 7.69 33.69 17.05
N VAL A 507 8.12 34.11 18.23
CA VAL A 507 8.45 35.50 18.46
C VAL A 507 9.97 35.70 18.46
N ARG A 508 10.73 34.68 18.84
CA ARG A 508 12.16 34.74 18.62
C ARG A 508 12.50 34.75 17.13
N SER A 509 11.83 33.90 16.33
CA SER A 509 12.16 33.87 14.91
C SER A 509 11.75 35.15 14.21
N ALA A 510 10.64 35.76 14.64
CA ALA A 510 10.24 37.07 14.12
C ALA A 510 11.30 38.12 14.44
N LEU A 511 12.02 37.94 15.55
CA LEU A 511 13.04 38.89 15.99
C LEU A 511 14.39 38.65 15.32
N GLU A 512 14.97 37.44 15.44
CA GLU A 512 16.19 37.13 14.70
C GLU A 512 16.04 37.31 13.19
N ALA A 513 14.81 37.39 12.69
CA ALA A 513 14.63 37.71 11.27
C ALA A 513 14.79 39.19 11.02
N VAL A 514 14.15 40.04 11.83
CA VAL A 514 14.33 41.48 11.65
C VAL A 514 15.77 41.85 11.95
N MET A 515 16.45 41.06 12.78
CA MET A 515 17.87 41.28 12.99
C MET A 515 18.66 40.98 11.73
N LYS A 516 18.26 39.94 10.99
CA LYS A 516 18.95 39.61 9.74
C LYS A 516 18.79 40.73 8.71
N TRP A 517 17.59 41.31 8.60
CA TRP A 517 17.34 42.35 7.61
C TRP A 517 17.90 43.72 8.03
N LEU A 518 18.27 43.88 9.30
CA LEU A 518 18.93 45.09 9.77
C LEU A 518 20.44 45.03 9.60
N ASN A 519 21.06 43.89 9.96
CA ASN A 519 22.44 43.63 9.55
C ASN A 519 22.59 43.49 8.04
N SER A 520 21.50 43.37 7.29
CA SER A 520 21.57 43.43 5.85
C SER A 520 21.31 44.82 5.31
N LEU A 521 21.01 45.80 6.15
CA LEU A 521 20.91 47.17 5.70
C LEU A 521 22.24 47.90 5.74
N ALA A 522 23.18 47.43 6.56
CA ALA A 522 24.55 47.93 6.53
C ALA A 522 25.53 46.80 6.81
N GLU A 540 14.26 26.95 32.56
CA GLU A 540 12.92 27.39 32.98
C GLU A 540 11.86 27.20 31.87
N LEU A 541 11.33 28.29 31.29
CA LEU A 541 10.47 28.21 30.11
C LEU A 541 11.24 28.74 28.90
N ASP A 542 11.61 27.83 27.99
CA ASP A 542 12.44 28.26 26.89
C ASP A 542 12.28 27.26 25.75
N PRO A 543 12.12 27.70 24.51
CA PRO A 543 12.01 26.77 23.38
C PRO A 543 13.38 26.31 22.92
N PRO A 544 13.44 25.28 22.07
CA PRO A 544 14.74 24.80 21.60
C PRO A 544 15.33 25.73 20.54
N THR A 545 16.65 25.72 20.47
CA THR A 545 17.36 26.40 19.39
C THR A 545 17.01 25.69 18.09
N PRO A 546 16.43 26.35 17.09
CA PRO A 546 16.12 25.66 15.83
C PRO A 546 17.40 25.28 15.11
N CYS A 547 17.22 24.41 14.12
CA CYS A 547 18.27 23.96 13.22
C CYS A 547 17.77 24.23 11.82
N TRP A 548 17.98 25.44 11.34
CA TRP A 548 17.43 25.72 10.02
C TRP A 548 18.29 25.04 8.96
N ILE A 549 17.68 24.85 7.79
CA ILE A 549 18.42 24.64 6.55
C ILE A 549 18.33 25.95 5.81
N ASN A 550 19.29 26.84 6.02
CA ASN A 550 19.24 28.16 5.42
C ASN A 550 20.60 28.61 4.90
N ALA A 551 21.66 27.85 5.20
CA ALA A 551 22.97 28.12 4.65
C ALA A 551 22.95 27.89 3.13
N PRO A 552 23.71 28.68 2.37
CA PRO A 552 23.52 28.68 0.92
C PRO A 552 24.04 27.44 0.25
N GLU A 553 25.02 26.76 0.86
CA GLU A 553 25.48 25.48 0.34
C GLU A 553 24.32 24.52 0.17
N GLN A 554 23.53 24.36 1.22
CA GLN A 554 22.41 23.44 1.16
C GLN A 554 21.27 23.96 0.28
N LEU A 555 21.20 25.27 0.05
CA LEU A 555 20.01 25.55 -0.74
C LEU A 555 20.31 25.46 -2.23
N PRO A 556 19.30 25.08 -3.00
CA PRO A 556 19.48 24.84 -4.43
C PRO A 556 19.04 26.04 -5.25
N GLN A 557 19.67 26.26 -6.38
CA GLN A 557 19.43 27.46 -7.16
C GLN A 557 18.39 27.20 -8.25
N GLU A 558 17.46 28.13 -8.38
CA GLU A 558 16.37 28.10 -9.34
C GLU A 558 16.79 27.54 -10.69
N PRO A 559 16.07 26.56 -11.23
CA PRO A 559 16.47 25.99 -12.51
C PRO A 559 16.09 26.87 -13.68
N GLU A 560 16.90 26.75 -14.73
CA GLU A 560 16.66 27.40 -16.00
C GLU A 560 15.63 26.60 -16.80
N VAL A 561 15.10 27.23 -17.84
CA VAL A 561 14.14 26.52 -18.69
C VAL A 561 14.94 25.66 -19.66
N ARG A 562 14.83 24.36 -19.51
CA ARG A 562 15.53 23.47 -20.42
C ARG A 562 14.55 22.93 -21.45
N ARG A 563 15.06 22.11 -22.36
CA ARG A 563 14.17 21.49 -23.33
C ARG A 563 14.75 20.14 -23.72
N GLY A 564 13.85 19.20 -23.99
CA GLY A 564 14.26 17.86 -24.34
C GLY A 564 14.17 16.88 -23.19
N GLY A 565 15.05 15.88 -23.19
CA GLY A 565 15.04 14.81 -22.21
C GLY A 565 13.66 14.37 -21.77
N MET A 566 13.48 14.11 -20.48
CA MET A 566 12.17 13.73 -19.96
C MET A 566 11.52 14.89 -19.22
N THR A 567 10.24 15.13 -19.52
CA THR A 567 9.45 16.09 -18.75
C THR A 567 8.99 15.45 -17.44
N VAL A 568 9.17 16.17 -16.33
CA VAL A 568 8.83 15.68 -15.00
C VAL A 568 8.02 16.75 -14.29
N GLN A 569 6.99 16.33 -13.55
CA GLN A 569 6.29 17.20 -12.63
C GLN A 569 6.23 16.53 -11.26
N VAL A 570 6.56 17.28 -10.21
CA VAL A 570 6.58 16.74 -8.86
C VAL A 570 5.28 17.09 -8.17
N LEU A 571 4.70 16.10 -7.50
CA LEU A 571 3.32 16.14 -7.03
C LEU A 571 3.27 15.74 -5.55
N ARG A 572 2.42 16.41 -4.79
CA ARG A 572 2.30 16.09 -3.38
C ARG A 572 0.85 15.84 -3.02
N SER A 573 0.68 15.10 -1.96
CA SER A 573 -0.54 15.08 -1.17
C SER A 573 -0.14 15.80 0.11
N ALA A 574 -0.56 17.06 0.26
CA ALA A 574 -0.19 17.83 1.43
C ALA A 574 -1.40 18.55 1.98
N ALA A 575 -1.55 18.48 3.31
CA ALA A 575 -2.70 19.06 3.98
C ALA A 575 -2.51 20.56 4.20
N ALA A 576 -3.64 21.25 4.38
CA ALA A 576 -3.61 22.70 4.55
C ALA A 576 -2.76 23.08 5.74
N ARG A 577 -2.86 22.29 6.80
CA ARG A 577 -2.05 22.53 8.00
C ARG A 577 -0.57 22.31 7.73
N MET A 578 -0.24 21.28 6.95
CA MET A 578 1.14 21.12 6.49
C MET A 578 1.58 22.36 5.72
N LEU A 579 0.73 22.81 4.78
CA LEU A 579 1.08 23.96 3.95
C LEU A 579 1.34 25.21 4.78
N GLU A 580 0.57 25.43 5.85
CA GLU A 580 0.84 26.64 6.62
C GLU A 580 2.19 26.50 7.33
N GLN A 581 2.38 25.43 8.10
CA GLN A 581 3.65 25.25 8.81
C GLN A 581 4.85 25.31 7.88
N GLU A 582 4.65 25.08 6.60
CA GLU A 582 5.73 25.35 5.65
C GLU A 582 5.97 26.86 5.51
N GLN A 583 4.89 27.60 5.24
CA GLN A 583 4.97 29.06 5.26
C GLN A 583 5.57 29.57 6.57
N ALA A 584 5.30 28.88 7.68
CA ALA A 584 5.92 29.24 8.95
C ALA A 584 7.44 29.22 8.85
N GLY A 585 8.00 28.06 8.47
CA GLY A 585 9.44 27.92 8.47
C GLY A 585 10.11 28.82 7.44
N ARG A 586 9.42 29.13 6.35
CA ARG A 586 10.06 29.96 5.33
C ARG A 586 10.39 31.32 5.91
N LEU A 587 9.61 31.74 6.91
CA LEU A 587 9.90 32.95 7.67
C LEU A 587 10.98 32.66 8.70
N GLY A 588 10.81 31.59 9.48
CA GLY A 588 11.79 31.16 10.45
C GLY A 588 13.20 31.09 9.88
N ALA A 589 13.40 30.20 8.92
CA ALA A 589 14.71 30.08 8.29
C ALA A 589 14.99 31.20 7.29
N GLY A 590 13.99 31.96 6.89
CA GLY A 590 14.24 32.95 5.87
C GLY A 590 14.54 32.37 4.50
N VAL A 591 13.90 31.27 4.14
CA VAL A 591 14.13 30.57 2.89
C VAL A 591 12.86 30.67 2.07
N ASN A 592 12.87 31.52 1.05
CA ASN A 592 11.75 31.61 0.13
C ASN A 592 12.36 31.19 -1.20
N LEU A 593 12.34 29.91 -1.44
CA LEU A 593 12.94 29.38 -2.65
C LEU A 593 12.08 29.81 -3.85
N PRO A 594 12.65 30.43 -4.87
CA PRO A 594 11.84 30.96 -5.98
C PRO A 594 10.83 29.96 -6.54
N LEU A 595 9.54 30.25 -6.37
CA LEU A 595 8.49 29.37 -6.88
C LEU A 595 8.22 29.62 -8.36
N GLN A 596 7.59 28.64 -8.98
CA GLN A 596 7.14 28.79 -10.34
C GLN A 596 5.79 29.47 -10.34
N VAL A 597 5.43 30.01 -11.50
CA VAL A 597 4.18 30.74 -11.57
C VAL A 597 3.05 29.74 -11.49
N GLY A 598 2.08 30.00 -10.62
CA GLY A 598 0.94 29.11 -10.51
C GLY A 598 1.08 27.99 -9.50
N VAL A 599 2.15 27.95 -8.73
CA VAL A 599 2.23 27.00 -7.63
C VAL A 599 1.66 27.67 -6.39
N SER A 600 1.21 26.85 -5.44
CA SER A 600 0.39 27.34 -4.34
C SER A 600 1.10 27.18 -3.01
N THR A 601 1.25 28.29 -2.30
CA THR A 601 1.79 28.27 -0.95
C THR A 601 0.70 28.09 0.08
N GLU A 602 -0.54 27.89 -0.37
CA GLU A 602 -1.69 27.85 0.54
C GLU A 602 -2.78 26.96 -0.04
N GLY A 603 -3.35 26.10 0.81
CA GLY A 603 -4.44 25.21 0.49
C GLY A 603 -3.99 23.76 0.38
N VAL A 604 -4.97 22.83 0.55
CA VAL A 604 -4.69 21.39 0.43
C VAL A 604 -4.15 21.09 -0.98
N GLN A 605 -3.26 20.10 -1.06
CA GLN A 605 -2.62 19.69 -2.31
C GLN A 605 -2.97 18.24 -2.60
N SER A 606 -3.85 18.01 -3.58
CA SER A 606 -4.14 16.64 -4.00
C SER A 606 -3.56 16.41 -5.38
N ASN A 607 -2.28 16.75 -5.59
CA ASN A 607 -1.68 16.55 -6.89
C ASN A 607 -1.64 15.09 -7.28
N CYS A 608 -1.50 14.19 -6.32
CA CYS A 608 -1.40 12.79 -6.67
C CYS A 608 -2.68 12.29 -7.31
N LYS A 609 -3.80 12.38 -6.58
CA LYS A 609 -5.07 11.93 -7.14
C LYS A 609 -5.41 12.68 -8.43
N ASP A 610 -5.02 13.95 -8.53
CA ASP A 610 -5.39 14.74 -9.69
C ASP A 610 -4.64 14.26 -10.93
N ALA A 611 -3.32 14.18 -10.82
CA ALA A 611 -2.50 13.69 -11.93
C ALA A 611 -2.99 12.33 -12.42
N MET A 612 -3.29 11.41 -11.50
CA MET A 612 -3.76 10.08 -11.90
C MET A 612 -5.04 10.20 -12.69
N LEU A 613 -6.02 10.94 -12.16
CA LEU A 613 -7.30 11.05 -12.84
C LEU A 613 -7.10 11.48 -14.28
N LEU A 614 -6.27 12.50 -14.50
CA LEU A 614 -6.16 13.04 -15.84
C LEU A 614 -5.49 12.03 -16.78
N ALA A 615 -4.44 11.36 -16.30
CA ALA A 615 -3.82 10.30 -17.09
C ALA A 615 -4.84 9.23 -17.46
N ILE A 616 -5.79 8.96 -16.55
CA ILE A 616 -6.80 7.95 -16.80
C ILE A 616 -7.80 8.43 -17.84
N SER A 617 -8.03 9.73 -17.93
CA SER A 617 -9.05 10.12 -18.87
C SER A 617 -8.49 10.39 -20.26
N GLY A 618 -7.26 10.89 -20.36
CA GLY A 618 -6.65 11.09 -21.65
C GLY A 618 -6.02 9.85 -22.27
N ALA A 619 -6.21 8.69 -21.64
CA ALA A 619 -5.59 7.47 -22.13
C ALA A 619 -6.28 7.02 -23.41
N GLN A 620 -5.49 6.60 -24.39
CA GLN A 620 -6.09 6.23 -25.66
C GLN A 620 -6.27 4.74 -25.86
N GLN A 621 -5.33 3.92 -25.39
CA GLN A 621 -5.29 2.50 -25.69
C GLN A 621 -5.35 1.61 -24.47
N PHE A 622 -4.57 1.91 -23.43
CA PHE A 622 -4.62 1.03 -22.27
C PHE A 622 -4.04 1.72 -21.06
N ILE A 623 -4.38 1.18 -19.90
CA ILE A 623 -3.85 1.61 -18.62
C ILE A 623 -3.23 0.40 -17.92
N TYR A 624 -2.12 0.60 -17.22
CA TYR A 624 -1.44 -0.45 -16.49
C TYR A 624 -1.07 0.10 -15.13
N ILE A 625 -1.61 -0.48 -14.06
CA ILE A 625 -1.46 0.05 -12.70
C ILE A 625 -0.89 -1.04 -11.81
N GLU A 626 0.09 -0.66 -10.99
CA GLU A 626 0.54 -1.44 -9.85
C GLU A 626 0.29 -0.62 -8.60
N ASN A 627 -0.33 -1.23 -7.60
CA ASN A 627 -0.61 -0.49 -6.39
C ASN A 627 -0.94 -1.43 -5.23
N GLN A 628 -0.36 -1.12 -4.07
CA GLN A 628 -0.58 -1.90 -2.86
C GLN A 628 -2.02 -1.84 -2.40
N PHE A 629 -2.73 -0.80 -2.79
CA PHE A 629 -4.09 -0.55 -2.33
C PHE A 629 -5.02 -0.50 -3.52
N PHE A 630 -6.26 -0.86 -3.30
CA PHE A 630 -7.29 -0.42 -4.25
C PHE A 630 -8.58 -0.36 -3.48
N GLN A 631 -8.79 0.77 -2.83
CA GLN A 631 -10.08 1.08 -2.24
C GLN A 631 -10.44 2.47 -2.73
N SER A 632 -11.61 2.55 -3.32
CA SER A 632 -12.08 3.75 -4.03
C SER A 632 -13.61 3.68 -4.02
N GLU A 633 -14.24 4.84 -4.22
CA GLU A 633 -15.67 4.92 -3.99
C GLU A 633 -16.40 3.85 -4.80
N PHE A 634 -17.36 3.19 -4.17
CA PHE A 634 -18.06 2.08 -4.79
C PHE A 634 -19.56 2.08 -4.50
N GLY A 635 -20.11 3.20 -4.03
CA GLY A 635 -21.53 3.28 -3.73
C GLY A 635 -21.91 2.45 -2.50
N LYS A 636 -23.17 2.00 -2.48
CA LYS A 636 -23.65 1.13 -1.41
C LYS A 636 -22.82 -0.15 -1.32
N GLU A 637 -22.47 -0.52 -0.09
CA GLU A 637 -21.87 -1.81 0.14
C GLU A 637 -22.82 -2.92 -0.27
N GLY A 638 -22.28 -3.99 -0.82
CA GLY A 638 -23.11 -5.01 -1.42
C GLY A 638 -22.62 -6.43 -1.20
N GLU A 639 -23.57 -7.35 -1.28
CA GLU A 639 -23.39 -8.78 -1.39
C GLU A 639 -23.12 -9.47 -0.07
N VAL A 640 -23.08 -8.76 1.06
CA VAL A 640 -23.06 -9.40 2.36
C VAL A 640 -24.35 -10.18 2.55
N PHE A 641 -24.23 -11.40 3.06
CA PHE A 641 -25.42 -12.18 3.39
C PHE A 641 -26.28 -11.43 4.40
N LYS A 642 -27.59 -11.53 4.24
CA LYS A 642 -28.41 -11.05 5.35
C LYS A 642 -28.72 -12.18 6.31
N ASP A 643 -29.06 -11.77 7.54
CA ASP A 643 -29.10 -12.68 8.67
C ASP A 643 -27.71 -13.26 8.94
N LEU A 644 -26.69 -12.41 8.79
CA LEU A 644 -25.30 -12.56 9.25
C LEU A 644 -24.71 -11.17 9.36
N PRO A 645 -24.61 -10.63 10.53
CA PRO A 645 -24.24 -9.22 10.66
C PRO A 645 -22.75 -9.04 10.42
N LEU A 646 -21.92 -9.73 11.19
CA LEU A 646 -20.50 -9.81 10.92
C LEU A 646 -20.18 -11.16 10.32
N SER A 647 -19.18 -11.17 9.44
CA SER A 647 -18.64 -12.42 8.95
C SER A 647 -18.33 -13.32 10.13
N GLY A 648 -18.36 -14.62 9.89
CA GLY A 648 -18.03 -15.57 10.92
C GLY A 648 -16.73 -15.23 11.61
N PRO A 649 -15.63 -15.26 10.84
CA PRO A 649 -14.32 -15.03 11.45
C PRO A 649 -14.24 -13.73 12.23
N MET A 650 -14.75 -12.66 11.63
CA MET A 650 -14.72 -11.37 12.29
C MET A 650 -15.61 -11.36 13.52
N ALA A 651 -16.74 -12.07 13.46
CA ALA A 651 -17.58 -12.16 14.65
C ALA A 651 -16.91 -13.00 15.75
N SER A 652 -16.10 -13.99 15.37
CA SER A 652 -15.32 -14.72 16.35
C SER A 652 -14.29 -13.83 17.05
N LEU A 653 -14.02 -12.65 16.51
CA LEU A 653 -13.03 -11.75 17.09
C LEU A 653 -13.63 -10.56 17.80
N ARG A 654 -14.93 -10.32 17.69
CA ARG A 654 -15.51 -9.19 18.40
C ARG A 654 -17.03 -9.26 18.60
N ASP A 655 -17.69 -10.27 18.06
CA ASP A 655 -19.12 -10.46 18.32
C ASP A 655 -19.29 -11.33 19.55
N VAL A 656 -20.13 -10.89 20.48
CA VAL A 656 -20.21 -11.60 21.75
C VAL A 656 -20.96 -12.92 21.58
N GLY A 657 -21.87 -12.98 20.61
CA GLY A 657 -22.57 -14.20 20.27
C GLY A 657 -21.67 -15.33 19.83
N SER A 658 -20.42 -15.02 19.47
CA SER A 658 -19.44 -16.06 19.25
C SER A 658 -19.32 -16.98 20.45
N LEU A 659 -19.61 -16.48 21.64
CA LEU A 659 -19.38 -17.21 22.88
C LEU A 659 -20.69 -17.83 23.39
N ARG A 660 -20.54 -18.82 24.27
CA ARG A 660 -21.71 -19.50 24.84
C ARG A 660 -22.62 -18.53 25.59
N ARG A 661 -23.94 -18.65 25.34
CA ARG A 661 -24.91 -17.75 25.95
C ARG A 661 -24.93 -17.88 27.46
N ASP A 662 -24.63 -19.08 27.99
CA ASP A 662 -24.72 -19.29 29.43
C ASP A 662 -23.63 -18.52 30.17
N PHE A 663 -22.43 -18.42 29.59
CA PHE A 663 -21.36 -17.63 30.21
C PHE A 663 -21.55 -16.13 29.99
N VAL A 664 -22.22 -15.75 28.90
CA VAL A 664 -22.39 -14.34 28.56
C VAL A 664 -23.45 -13.69 29.42
N VAL A 665 -24.52 -14.43 29.74
CA VAL A 665 -25.52 -13.95 30.68
C VAL A 665 -25.03 -14.06 32.11
N ARG A 666 -24.24 -15.09 32.43
CA ARG A 666 -23.82 -15.29 33.81
C ARG A 666 -22.98 -14.11 34.31
N ILE A 667 -22.09 -13.58 33.47
CA ILE A 667 -21.27 -12.43 33.87
C ILE A 667 -21.93 -11.10 33.47
N ARG A 668 -23.08 -11.16 32.79
CA ARG A 668 -23.80 -10.00 32.24
C ARG A 668 -22.90 -9.16 31.33
N LEU A 669 -22.45 -9.82 30.25
CA LEU A 669 -21.49 -9.23 29.34
C LEU A 669 -22.09 -8.05 28.59
N GLU A 670 -23.29 -8.25 28.04
CA GLU A 670 -23.91 -7.23 27.21
C GLU A 670 -24.32 -6.01 28.00
N GLU A 671 -24.51 -6.16 29.32
CA GLU A 671 -24.72 -4.99 30.16
C GLU A 671 -23.46 -4.12 30.18
N ALA A 672 -22.31 -4.75 30.45
CA ALA A 672 -21.04 -4.01 30.43
C ALA A 672 -20.76 -3.45 29.04
N LEU A 673 -20.93 -4.26 28.00
CA LEU A 673 -20.55 -3.85 26.64
C LEU A 673 -21.32 -2.61 26.21
N GLU A 674 -22.62 -2.55 26.50
CA GLU A 674 -23.39 -1.37 26.15
C GLU A 674 -22.99 -0.15 26.99
N GLN A 675 -22.50 -0.36 28.21
CA GLN A 675 -22.07 0.73 29.07
C GLN A 675 -20.58 1.01 28.98
N ARG A 676 -19.82 0.13 28.34
CA ARG A 676 -18.37 0.24 28.16
C ARG A 676 -17.63 0.33 29.49
N ASP A 677 -18.30 -0.04 30.57
CA ASP A 677 -17.66 -0.26 31.86
C ASP A 677 -17.26 -1.72 31.91
N LEU A 678 -15.96 -1.99 31.73
CA LEU A 678 -15.44 -3.31 32.03
C LEU A 678 -15.86 -3.75 33.41
N TRP A 679 -15.76 -2.85 34.40
CA TRP A 679 -16.00 -3.25 35.77
C TRP A 679 -17.49 -3.43 36.09
N LEU A 680 -18.40 -2.98 35.22
CA LEU A 680 -19.83 -3.21 35.42
C LEU A 680 -20.22 -4.66 35.11
N LEU A 681 -19.37 -5.62 35.54
CA LEU A 681 -19.51 -7.04 35.28
C LEU A 681 -19.66 -7.84 36.57
N ASP A 682 -20.42 -8.94 36.51
CA ASP A 682 -20.57 -9.83 37.65
C ASP A 682 -19.28 -10.55 38.02
N TRP A 683 -18.28 -9.82 38.55
CA TRP A 683 -17.02 -10.42 38.96
C TRP A 683 -17.16 -11.61 39.91
N ALA A 684 -18.34 -11.79 40.49
CA ALA A 684 -18.61 -13.00 41.27
C ALA A 684 -18.78 -14.21 40.36
N GLU A 685 -19.59 -14.07 39.32
CA GLU A 685 -19.79 -15.18 38.40
C GLU A 685 -18.55 -15.48 37.56
N VAL A 686 -17.71 -14.49 37.26
CA VAL A 686 -16.51 -14.83 36.50
C VAL A 686 -15.60 -15.73 37.32
N GLU A 687 -15.52 -15.54 38.64
CA GLU A 687 -14.72 -16.46 39.45
C GLU A 687 -15.26 -17.87 39.35
N LYS A 688 -16.56 -18.02 39.59
CA LYS A 688 -17.25 -19.30 39.44
C LYS A 688 -16.88 -19.97 38.13
N ILE A 689 -16.79 -19.18 37.07
CA ILE A 689 -16.39 -19.72 35.78
C ILE A 689 -14.90 -20.04 35.75
N ALA A 690 -14.06 -19.15 36.33
CA ALA A 690 -12.62 -19.41 36.41
C ALA A 690 -12.27 -20.54 37.38
N GLN A 691 -13.15 -20.84 38.35
CA GLN A 691 -12.95 -22.04 39.15
C GLN A 691 -13.43 -23.30 38.41
N GLU A 692 -14.43 -23.18 37.52
CA GLU A 692 -14.93 -24.34 36.80
C GLU A 692 -13.83 -24.95 35.95
N PRO A 693 -13.62 -26.26 36.00
CA PRO A 693 -12.58 -26.89 35.20
C PRO A 693 -13.09 -27.19 33.80
N GLY A 694 -12.14 -27.38 32.91
CA GLY A 694 -12.43 -27.63 31.50
C GLY A 694 -11.86 -26.56 30.61
N THR A 695 -11.89 -26.86 29.31
CA THR A 695 -11.36 -25.90 28.36
C THR A 695 -12.36 -24.81 28.02
N GLU A 696 -13.64 -25.18 27.87
CA GLU A 696 -14.64 -24.20 27.46
C GLU A 696 -14.73 -23.03 28.43
N ALA A 697 -14.46 -23.28 29.71
CA ALA A 697 -14.45 -22.20 30.70
C ALA A 697 -13.21 -21.31 30.56
N ARG A 698 -12.04 -21.93 30.32
CA ARG A 698 -10.83 -21.15 30.11
C ARG A 698 -10.89 -20.37 28.81
N GLN A 699 -11.24 -21.03 27.71
CA GLN A 699 -11.26 -20.34 26.42
C GLN A 699 -12.23 -19.17 26.46
N PHE A 700 -13.29 -19.27 27.27
CA PHE A 700 -14.26 -18.18 27.36
C PHE A 700 -13.62 -16.91 27.90
N LEU A 701 -13.15 -16.97 29.15
CA LEU A 701 -12.58 -15.79 29.80
C LEU A 701 -11.48 -15.18 28.94
N LYS A 702 -10.72 -16.05 28.27
CA LYS A 702 -9.66 -15.60 27.37
C LYS A 702 -10.23 -14.82 26.19
N SER A 703 -11.11 -15.45 25.39
CA SER A 703 -11.70 -14.75 24.25
C SER A 703 -12.57 -13.58 24.68
N MET A 704 -13.12 -13.64 25.88
CA MET A 704 -13.98 -12.55 26.35
C MET A 704 -13.20 -11.25 26.48
N LEU A 705 -12.11 -11.29 27.24
CA LEU A 705 -11.24 -10.13 27.34
C LEU A 705 -10.71 -9.72 25.98
N ALA A 706 -10.50 -10.68 25.09
CA ALA A 706 -9.99 -10.39 23.75
C ALA A 706 -10.93 -9.47 23.00
N MET A 707 -12.20 -9.89 22.89
CA MET A 707 -13.22 -9.07 22.23
C MET A 707 -13.33 -7.70 22.89
N TRP A 708 -13.14 -7.63 24.19
CA TRP A 708 -13.25 -6.33 24.85
C TRP A 708 -12.16 -5.40 24.34
N GLY A 709 -10.92 -5.87 24.34
CA GLY A 709 -9.84 -5.07 23.80
C GLY A 709 -10.07 -4.67 22.35
N VAL A 710 -10.49 -5.63 21.53
CA VAL A 710 -10.81 -5.31 20.13
C VAL A 710 -11.86 -4.22 20.07
N ASN A 711 -13.05 -4.50 20.60
CA ASN A 711 -14.14 -3.54 20.57
C ASN A 711 -13.73 -2.18 21.08
N ALA A 712 -12.95 -2.15 22.18
CA ALA A 712 -12.54 -0.88 22.77
C ALA A 712 -11.77 -0.01 21.79
N GLN A 713 -10.91 -0.63 20.98
CA GLN A 713 -10.27 0.10 19.88
C GLN A 713 -11.31 0.85 19.06
N GLY A 714 -12.28 0.12 18.52
CA GLY A 714 -13.33 0.71 17.71
C GLY A 714 -13.91 1.95 18.36
N TRP A 715 -14.26 1.83 19.64
CA TRP A 715 -14.88 2.93 20.36
C TRP A 715 -13.98 4.15 20.38
N LEU A 716 -12.69 3.95 20.70
CA LEU A 716 -11.72 5.02 20.64
C LEU A 716 -11.80 5.81 19.35
N THR A 717 -11.33 5.19 18.27
CA THR A 717 -11.36 5.79 16.94
C THR A 717 -12.70 6.43 16.62
N HIS A 718 -13.79 5.88 17.16
CA HIS A 718 -15.07 6.46 16.83
C HIS A 718 -15.36 7.73 17.62
N LYS A 719 -14.65 7.98 18.72
CA LYS A 719 -14.88 9.20 19.48
C LYS A 719 -13.84 10.28 19.21
N LEU A 720 -12.74 9.94 18.56
CA LEU A 720 -11.72 10.89 18.16
C LEU A 720 -12.17 11.79 17.00
N GLY A 721 -13.25 11.46 16.31
CA GLY A 721 -13.68 12.25 15.18
C GLY A 721 -14.79 11.54 14.44
N GLU A 722 -15.20 12.15 13.33
CA GLU A 722 -16.35 11.66 12.58
C GLU A 722 -15.95 10.54 11.62
N ALA A 723 -16.91 9.65 11.36
CA ALA A 723 -16.69 8.50 10.48
C ALA A 723 -17.40 8.74 9.14
N GLN A 724 -16.62 9.04 8.12
CA GLN A 724 -17.14 9.11 6.77
C GLN A 724 -17.91 7.83 6.45
N HIS A 725 -18.95 7.98 5.62
CA HIS A 725 -19.74 6.83 5.22
C HIS A 725 -19.27 6.45 3.82
N GLY A 726 -18.64 5.28 3.70
CA GLY A 726 -18.19 4.87 2.38
C GLY A 726 -16.96 5.61 1.89
N LEU A 727 -16.39 5.17 0.78
CA LEU A 727 -15.11 5.72 0.34
C LEU A 727 -15.30 6.99 -0.48
N LEU A 728 -14.20 7.73 -0.64
CA LEU A 728 -14.24 9.09 -1.20
C LEU A 728 -13.50 9.27 -2.51
N ASN A 729 -12.31 8.73 -2.68
CA ASN A 729 -11.59 8.96 -3.93
C ASN A 729 -12.29 8.25 -5.08
N GLU A 730 -12.02 8.72 -6.30
CA GLU A 730 -12.85 8.36 -7.44
C GLU A 730 -12.03 7.69 -8.54
N ILE A 731 -10.91 7.06 -8.19
CA ILE A 731 -10.15 6.34 -9.21
C ILE A 731 -10.97 5.20 -9.81
N GLY A 732 -11.74 4.50 -8.97
CA GLY A 732 -12.69 3.54 -9.47
C GLY A 732 -13.59 4.15 -10.51
N GLU A 733 -14.49 5.05 -10.11
CA GLU A 733 -15.35 5.74 -11.07
C GLU A 733 -14.63 6.18 -12.33
N ALA A 734 -13.43 6.71 -12.20
CA ALA A 734 -12.71 7.22 -13.36
C ALA A 734 -12.35 6.10 -14.32
N LEU A 735 -11.74 5.04 -13.80
CA LEU A 735 -11.41 3.89 -14.65
C LEU A 735 -12.68 3.34 -15.30
N ALA A 736 -13.71 3.08 -14.50
CA ALA A 736 -15.01 2.70 -15.04
C ALA A 736 -15.46 3.67 -16.10
N ARG A 737 -15.27 4.96 -15.89
CA ARG A 737 -15.79 5.90 -16.88
C ARG A 737 -14.98 5.85 -18.17
N ARG A 738 -13.65 5.75 -18.07
CA ARG A 738 -12.84 5.67 -19.29
C ARG A 738 -13.22 4.45 -20.09
N ILE A 739 -13.44 3.33 -19.41
CA ILE A 739 -13.87 2.11 -20.09
C ILE A 739 -15.22 2.32 -20.77
N GLU A 740 -16.15 2.97 -20.07
CA GLU A 740 -17.46 3.07 -20.69
C GLU A 740 -17.40 3.96 -21.93
N ARG A 741 -16.51 4.94 -21.96
CA ARG A 741 -16.41 5.73 -23.17
C ARG A 741 -15.99 4.84 -24.34
N ALA A 742 -15.04 3.93 -24.12
CA ALA A 742 -14.68 2.98 -25.16
C ALA A 742 -15.79 1.99 -25.43
N ILE A 743 -16.54 1.58 -24.41
CA ILE A 743 -17.69 0.72 -24.66
C ILE A 743 -18.68 1.42 -25.57
N GLN A 744 -19.04 2.66 -25.24
CA GLN A 744 -20.15 3.33 -25.89
C GLN A 744 -19.81 3.78 -27.30
N ARG A 745 -18.56 4.12 -27.51
CA ARG A 745 -18.11 4.59 -28.82
C ARG A 745 -17.53 3.46 -29.65
N GLU A 746 -17.54 2.23 -29.13
CA GLU A 746 -17.04 1.05 -29.82
C GLU A 746 -15.56 1.18 -30.21
N HIS A 747 -14.73 1.35 -29.18
CA HIS A 747 -13.27 1.30 -29.30
C HIS A 747 -12.74 0.21 -28.40
N PRO A 748 -11.57 -0.35 -28.70
CA PRO A 748 -10.93 -1.23 -27.72
C PRO A 748 -10.21 -0.41 -26.66
N PHE A 749 -10.14 -0.98 -25.47
CA PHE A 749 -9.43 -0.37 -24.36
C PHE A 749 -9.28 -1.41 -23.28
N HIS A 750 -8.27 -1.23 -22.43
CA HIS A 750 -8.04 -2.26 -21.43
C HIS A 750 -7.24 -1.70 -20.27
N VAL A 751 -7.58 -2.16 -19.07
CA VAL A 751 -6.98 -1.68 -17.82
C VAL A 751 -6.40 -2.88 -17.08
N TYR A 752 -5.12 -2.82 -16.75
CA TYR A 752 -4.43 -3.86 -16.00
C TYR A 752 -4.27 -3.42 -14.56
N LEU A 753 -4.55 -4.32 -13.61
CA LEU A 753 -4.41 -3.94 -12.21
C LEU A 753 -3.63 -5.05 -11.52
N VAL A 754 -2.46 -4.72 -10.99
CA VAL A 754 -1.66 -5.66 -10.21
C VAL A 754 -1.64 -5.19 -8.78
N LEU A 755 -2.15 -6.01 -7.89
CA LEU A 755 -2.29 -5.69 -6.47
C LEU A 755 -1.73 -6.84 -5.66
N PRO A 756 -1.49 -6.64 -4.37
CA PRO A 756 -1.15 -7.79 -3.51
C PRO A 756 -2.34 -8.72 -3.31
N VAL A 757 -2.03 -10.00 -3.06
CA VAL A 757 -3.09 -10.97 -2.73
C VAL A 757 -3.91 -10.48 -1.55
N HIS A 758 -3.23 -9.97 -0.53
CA HIS A 758 -3.85 -9.30 0.60
C HIS A 758 -2.82 -8.40 1.23
N PRO A 759 -3.23 -7.46 2.08
CA PRO A 759 -2.24 -6.54 2.69
C PRO A 759 -1.27 -7.32 3.55
N GLU A 760 -0.07 -6.78 3.70
CA GLU A 760 0.97 -7.55 4.36
C GLU A 760 0.61 -7.79 5.81
N GLY A 761 1.05 -8.91 6.33
CA GLY A 761 0.65 -9.37 7.64
C GLY A 761 -0.16 -10.64 7.56
N ALA A 762 -0.71 -11.03 8.70
CA ALA A 762 -1.51 -12.24 8.86
C ALA A 762 -3.00 -11.92 8.71
N LEU A 763 -3.74 -12.84 8.09
CA LEU A 763 -5.12 -12.54 7.70
C LEU A 763 -6.08 -12.44 8.86
N ASN A 764 -5.64 -12.75 10.09
CA ASN A 764 -6.55 -12.67 11.23
C ASN A 764 -6.50 -11.33 11.96
N VAL A 765 -5.55 -10.46 11.65
CA VAL A 765 -5.57 -9.13 12.27
C VAL A 765 -6.83 -8.41 11.84
N PRO A 766 -7.56 -7.77 12.75
CA PRO A 766 -8.82 -7.13 12.37
C PRO A 766 -8.73 -6.13 11.24
N ASN A 767 -7.85 -5.12 11.31
CA ASN A 767 -7.85 -4.09 10.27
C ASN A 767 -7.51 -4.69 8.92
N ILE A 768 -6.58 -5.65 8.91
CA ILE A 768 -6.16 -6.28 7.66
C ILE A 768 -7.34 -6.97 7.00
N MET A 769 -8.13 -7.73 7.78
CA MET A 769 -9.38 -8.25 7.26
C MET A 769 -10.21 -7.12 6.67
N HIS A 770 -10.31 -6.02 7.42
CA HIS A 770 -11.13 -4.91 6.99
C HIS A 770 -10.64 -4.27 5.69
N GLN A 771 -9.31 -4.24 5.47
CA GLN A 771 -8.83 -3.69 4.21
C GLN A 771 -9.19 -4.61 3.06
N VAL A 772 -9.00 -5.92 3.23
CA VAL A 772 -9.49 -6.84 2.23
C VAL A 772 -10.95 -6.56 1.93
N HIS A 773 -11.79 -6.67 2.94
CA HIS A 773 -13.22 -6.46 2.76
C HIS A 773 -13.51 -5.22 1.93
N LEU A 774 -12.91 -4.09 2.31
CA LEU A 774 -13.03 -2.87 1.50
C LEU A 774 -12.44 -3.04 0.10
N THR A 775 -11.29 -3.72 -0.02
CA THR A 775 -10.67 -3.86 -1.34
C THR A 775 -11.63 -4.57 -2.30
N GLN A 776 -12.21 -5.69 -1.85
CA GLN A 776 -13.19 -6.36 -2.69
C GLN A 776 -14.42 -5.50 -2.94
N GLN A 777 -14.78 -4.65 -1.97
CA GLN A 777 -15.96 -3.82 -2.21
C GLN A 777 -15.74 -2.92 -3.40
N SER A 778 -14.54 -2.37 -3.50
CA SER A 778 -14.23 -1.45 -4.59
C SER A 778 -14.06 -2.18 -5.91
N LEU A 779 -13.68 -3.46 -5.87
CA LEU A 779 -13.48 -4.22 -7.10
C LEU A 779 -14.75 -4.92 -7.57
N VAL A 780 -15.35 -5.75 -6.72
CA VAL A 780 -16.37 -6.68 -7.18
C VAL A 780 -17.74 -6.50 -6.51
N PHE A 781 -17.85 -5.88 -5.33
CA PHE A 781 -19.06 -6.12 -4.53
C PHE A 781 -19.94 -4.91 -4.33
N GLY A 782 -19.37 -3.73 -4.08
CA GLY A 782 -20.16 -2.51 -3.90
C GLY A 782 -21.13 -2.26 -5.05
N GLU A 783 -22.34 -1.80 -4.74
CA GLU A 783 -23.35 -1.72 -5.79
C GLU A 783 -22.86 -0.89 -6.96
N GLN A 784 -21.87 -0.04 -6.74
CA GLN A 784 -21.18 0.67 -7.82
C GLN A 784 -19.70 0.30 -7.93
N SER A 785 -19.36 -0.97 -7.71
CA SER A 785 -17.97 -1.40 -7.79
C SER A 785 -17.43 -1.28 -9.23
N LEU A 786 -16.13 -1.50 -9.39
CA LEU A 786 -15.50 -1.26 -10.68
C LEU A 786 -15.93 -2.27 -11.73
N VAL A 787 -16.10 -3.52 -11.32
CA VAL A 787 -16.61 -4.50 -12.28
C VAL A 787 -18.11 -4.31 -12.50
N LYS A 788 -18.90 -4.12 -11.43
CA LYS A 788 -20.33 -3.91 -11.63
C LYS A 788 -20.59 -2.67 -12.48
N ARG A 789 -19.67 -1.71 -12.50
CA ARG A 789 -19.86 -0.54 -13.34
C ARG A 789 -19.53 -0.85 -14.78
N ILE A 790 -18.38 -1.49 -15.04
CA ILE A 790 -18.10 -1.92 -16.42
C ILE A 790 -19.24 -2.79 -16.93
N GLN A 791 -19.83 -3.60 -16.06
CA GLN A 791 -20.83 -4.59 -16.50
C GLN A 791 -22.15 -3.93 -16.84
N ARG A 792 -22.67 -3.11 -15.94
CA ARG A 792 -23.84 -2.30 -16.26
C ARG A 792 -23.65 -1.66 -17.63
N GLN A 793 -22.48 -1.08 -17.85
CA GLN A 793 -22.29 -0.30 -19.07
C GLN A 793 -22.34 -1.20 -20.29
N MET A 794 -21.63 -2.34 -20.23
CA MET A 794 -21.72 -3.34 -21.29
C MET A 794 -23.17 -3.76 -21.53
N ALA A 795 -23.88 -4.12 -20.47
CA ALA A 795 -25.30 -4.41 -20.58
C ALA A 795 -26.04 -3.29 -21.31
N LEU A 796 -25.80 -2.04 -20.93
CA LEU A 796 -26.55 -0.93 -21.53
C LEU A 796 -26.29 -0.81 -23.03
N LYS A 797 -25.01 -0.79 -23.45
CA LYS A 797 -24.72 -0.75 -24.89
C LYS A 797 -25.23 -1.99 -25.61
N ALA A 798 -25.33 -3.11 -24.90
CA ALA A 798 -25.85 -4.33 -25.49
C ALA A 798 -27.31 -4.19 -25.91
N LEU A 799 -28.04 -3.27 -25.29
CA LEU A 799 -29.43 -3.09 -25.65
C LEU A 799 -29.64 -2.01 -26.70
N GLU A 800 -28.59 -1.34 -27.17
CA GLU A 800 -28.75 -0.30 -28.17
C GLU A 800 -29.60 -0.84 -29.30
N GLY A 801 -30.67 -0.10 -29.61
CA GLY A 801 -31.51 -0.46 -30.73
C GLY A 801 -32.14 -1.82 -30.60
N LYS A 802 -32.51 -2.21 -29.38
CA LYS A 802 -33.22 -3.46 -29.15
C LYS A 802 -34.29 -3.29 -28.10
N SER A 803 -34.36 -2.13 -27.44
CA SER A 803 -35.39 -1.78 -26.48
C SER A 803 -35.39 -0.28 -26.38
N ASP A 804 -36.42 0.24 -25.71
CA ASP A 804 -36.45 1.67 -25.50
C ASP A 804 -35.37 2.07 -24.50
N PRO A 805 -34.66 3.16 -24.75
CA PRO A 805 -33.56 3.52 -23.85
C PRO A 805 -34.02 3.86 -22.43
N ALA A 806 -35.18 4.50 -22.23
CA ALA A 806 -35.60 4.81 -20.86
C ALA A 806 -35.81 3.57 -20.03
N GLN A 807 -36.18 2.46 -20.68
CA GLN A 807 -36.42 1.18 -20.00
C GLN A 807 -35.14 0.43 -19.63
N ALA A 808 -34.03 0.67 -20.33
CA ALA A 808 -32.89 -0.24 -20.22
C ALA A 808 -32.41 -0.38 -18.78
N ARG A 809 -32.36 0.73 -18.03
CA ARG A 809 -31.85 0.72 -16.67
C ARG A 809 -32.62 -0.23 -15.75
N GLU A 810 -33.87 -0.53 -16.09
CA GLU A 810 -34.68 -1.54 -15.42
C GLU A 810 -34.44 -2.93 -15.96
N ILE A 811 -34.14 -3.02 -17.25
CA ILE A 811 -34.04 -4.32 -17.89
C ILE A 811 -32.77 -5.02 -17.44
N ILE A 812 -31.67 -4.27 -17.34
CA ILE A 812 -30.43 -4.92 -16.96
C ILE A 812 -30.43 -5.22 -15.46
N GLU A 813 -31.15 -4.44 -14.66
CA GLU A 813 -31.18 -4.77 -13.25
C GLU A 813 -32.11 -5.93 -12.93
N ARG A 814 -32.76 -6.51 -13.94
CA ARG A 814 -33.72 -7.58 -13.73
C ARG A 814 -33.02 -8.87 -13.28
N LYS A 815 -33.70 -9.65 -12.43
CA LYS A 815 -33.12 -10.77 -11.71
C LYS A 815 -33.24 -12.08 -12.46
N ASP A 816 -32.24 -12.95 -12.29
CA ASP A 816 -32.28 -14.19 -13.03
C ASP A 816 -32.60 -15.36 -12.12
N ALA A 817 -32.28 -16.57 -12.59
CA ALA A 817 -32.66 -17.80 -11.90
C ALA A 817 -31.91 -17.96 -10.60
N ARG A 818 -30.58 -17.92 -10.64
CA ARG A 818 -29.79 -17.93 -9.43
C ARG A 818 -29.79 -16.58 -8.67
N GLY A 819 -30.83 -15.74 -8.85
CA GLY A 819 -31.06 -14.53 -8.06
C GLY A 819 -30.26 -13.29 -8.44
N ARG A 820 -29.23 -13.41 -9.30
CA ARG A 820 -28.36 -12.33 -9.73
C ARG A 820 -29.00 -11.49 -10.84
N PRO A 821 -28.50 -10.27 -11.08
CA PRO A 821 -29.03 -9.45 -12.17
C PRO A 821 -28.43 -9.79 -13.52
N VAL A 822 -29.09 -9.26 -14.56
CA VAL A 822 -28.73 -9.59 -15.94
C VAL A 822 -27.37 -9.02 -16.29
N TYR A 823 -27.12 -7.75 -15.94
CA TYR A 823 -25.88 -7.10 -16.34
C TYR A 823 -24.67 -7.95 -15.99
N GLU A 824 -24.78 -8.79 -14.95
CA GLU A 824 -23.73 -9.73 -14.60
C GLU A 824 -23.51 -10.80 -15.67
N GLN A 825 -24.29 -10.84 -16.75
CA GLN A 825 -23.99 -11.76 -17.83
C GLN A 825 -22.85 -11.28 -18.72
N GLN A 826 -22.38 -10.03 -18.54
CA GLN A 826 -21.34 -9.45 -19.38
C GLN A 826 -19.95 -9.80 -18.94
N ASP A 827 -19.11 -10.11 -19.92
CA ASP A 827 -17.70 -10.46 -19.71
C ASP A 827 -16.86 -9.18 -19.64
N TRP A 828 -16.70 -8.67 -18.42
CA TRP A 828 -15.84 -7.50 -18.23
C TRP A 828 -14.39 -7.81 -18.52
N SER A 829 -14.02 -9.08 -18.71
CA SER A 829 -12.64 -9.39 -19.03
C SER A 829 -12.17 -8.71 -20.32
N ARG A 830 -13.10 -8.17 -21.14
CA ARG A 830 -12.75 -7.51 -22.39
C ARG A 830 -12.09 -6.17 -22.16
N TYR A 831 -12.15 -5.66 -20.94
CA TYR A 831 -11.58 -4.36 -20.66
C TYR A 831 -10.68 -4.34 -19.43
N LEU A 832 -10.80 -5.30 -18.51
CA LEU A 832 -10.11 -5.24 -17.25
C LEU A 832 -9.46 -6.57 -16.88
N THR A 833 -8.19 -6.51 -16.51
CA THR A 833 -7.44 -7.66 -16.03
C THR A 833 -7.01 -7.41 -14.58
N LEU A 834 -7.18 -8.40 -13.71
CA LEU A 834 -6.90 -8.19 -12.30
C LEU A 834 -5.88 -9.25 -11.91
N LEU A 835 -4.71 -8.85 -11.48
CA LEU A 835 -3.65 -9.82 -11.24
C LEU A 835 -3.07 -9.66 -9.84
N ASN A 836 -2.81 -10.79 -9.19
CA ASN A 836 -2.00 -10.86 -7.99
C ASN A 836 -0.66 -11.48 -8.39
N LEU A 837 0.37 -11.23 -7.60
CA LEU A 837 1.64 -11.91 -7.82
C LEU A 837 1.86 -12.92 -6.70
N ARG A 838 2.61 -13.97 -7.00
CA ARG A 838 2.71 -15.12 -6.12
C ARG A 838 3.77 -16.08 -6.66
N THR A 839 4.61 -16.57 -5.75
CA THR A 839 5.58 -17.61 -6.08
C THR A 839 5.43 -18.78 -5.12
N TRP A 840 6.22 -19.83 -5.35
CA TRP A 840 6.27 -20.97 -4.44
C TRP A 840 7.70 -21.49 -4.41
N ALA A 841 7.96 -22.41 -3.49
CA ALA A 841 9.32 -22.95 -3.37
C ALA A 841 9.35 -24.17 -2.46
N VAL A 842 10.41 -24.95 -2.63
CA VAL A 842 10.80 -25.98 -1.68
C VAL A 842 11.83 -25.36 -0.77
N LEU A 843 11.45 -25.17 0.48
CA LEU A 843 12.34 -24.66 1.50
C LEU A 843 12.41 -25.72 2.59
N GLY A 844 13.62 -26.15 2.95
CA GLY A 844 13.80 -27.10 4.04
C GLY A 844 12.99 -28.37 3.90
N GLY A 845 12.90 -28.92 2.70
CA GLY A 845 12.07 -30.08 2.48
C GLY A 845 10.58 -29.82 2.55
N ARG A 846 10.16 -28.57 2.81
CA ARG A 846 8.77 -28.17 2.83
C ARG A 846 8.35 -27.58 1.49
N VAL A 847 7.16 -27.91 1.05
CA VAL A 847 6.53 -27.08 0.03
C VAL A 847 5.86 -25.92 0.73
N VAL A 848 6.21 -24.69 0.31
CA VAL A 848 5.62 -23.47 0.83
C VAL A 848 5.24 -22.53 -0.30
N THR A 849 4.36 -21.60 0.03
CA THR A 849 4.02 -20.50 -0.86
C THR A 849 3.71 -19.26 -0.02
N GLU A 850 4.03 -18.10 -0.59
CA GLU A 850 3.58 -16.82 -0.04
C GLU A 850 3.41 -15.87 -1.22
N GLN A 851 2.73 -14.75 -0.98
CA GLN A 851 2.47 -13.73 -1.98
C GLN A 851 3.71 -12.88 -2.27
N ILE A 852 3.74 -12.30 -3.48
CA ILE A 852 4.76 -11.33 -3.85
C ILE A 852 4.11 -9.96 -3.68
N TYR A 853 4.58 -9.18 -2.70
CA TYR A 853 3.81 -8.02 -2.26
C TYR A 853 3.96 -6.89 -3.28
N VAL A 854 2.82 -6.42 -3.80
CA VAL A 854 2.84 -5.33 -4.76
C VAL A 854 2.84 -4.05 -3.94
N HIS A 855 4.04 -3.61 -3.54
CA HIS A 855 4.11 -2.31 -2.85
C HIS A 855 4.17 -1.14 -3.81
N SER A 856 4.47 -1.40 -5.08
CA SER A 856 4.45 -0.38 -6.12
C SER A 856 3.28 0.59 -5.97
N LYS A 857 3.51 1.86 -6.30
CA LYS A 857 2.45 2.87 -6.37
C LYS A 857 2.56 3.58 -7.73
N LEU A 858 2.19 2.88 -8.80
CA LEU A 858 2.62 3.25 -10.14
C LEU A 858 1.48 3.16 -11.11
N LEU A 859 1.48 4.05 -12.10
CA LEU A 859 0.45 4.02 -13.15
C LEU A 859 1.03 4.49 -14.49
N ILE A 860 0.76 3.72 -15.55
CA ILE A 860 1.21 4.01 -16.90
C ILE A 860 0.03 3.92 -17.83
N ALA A 861 0.02 4.80 -18.86
CA ALA A 861 -0.98 4.74 -19.92
C ALA A 861 -0.31 4.88 -21.28
N ASP A 862 -0.74 4.05 -22.23
CA ASP A 862 -0.31 4.16 -23.62
C ASP A 862 1.20 4.14 -23.76
N ASP A 863 1.92 3.70 -22.73
CA ASP A 863 3.37 3.81 -22.65
C ASP A 863 3.84 5.21 -22.94
N ARG A 864 2.99 6.22 -22.76
CA ARG A 864 3.43 7.61 -22.94
C ARG A 864 3.69 8.33 -21.64
N VAL A 865 2.96 8.00 -20.59
CA VAL A 865 2.96 8.73 -19.33
C VAL A 865 3.11 7.76 -18.17
N ALA A 866 3.92 8.13 -17.18
CA ALA A 866 4.09 7.30 -16.00
C ALA A 866 3.96 8.16 -14.76
N ILE A 867 3.22 7.67 -13.76
CA ILE A 867 3.01 8.38 -12.50
C ILE A 867 3.48 7.49 -11.36
N LEU A 868 4.54 7.94 -10.69
CA LEU A 868 5.37 7.11 -9.84
C LEU A 868 5.50 7.76 -8.47
N GLY A 869 5.40 6.97 -7.40
CA GLY A 869 5.73 7.55 -6.10
C GLY A 869 5.28 6.81 -4.86
N SER A 870 4.54 7.52 -4.01
CA SER A 870 4.21 7.06 -2.68
C SER A 870 2.71 6.87 -2.51
N ALA A 871 1.90 7.22 -3.50
CA ALA A 871 0.45 7.36 -3.33
C ALA A 871 -0.29 6.06 -3.61
N ASN A 872 -1.04 5.60 -2.62
CA ASN A 872 -1.83 4.40 -2.73
C ASN A 872 -3.24 4.76 -3.18
N ILE A 873 -3.87 3.87 -3.93
CA ILE A 873 -5.26 4.06 -4.31
C ILE A 873 -6.16 3.80 -3.11
N ASN A 874 -6.05 4.70 -2.11
CA ASN A 874 -6.93 4.75 -0.95
C ASN A 874 -7.16 6.22 -0.60
N ASP A 875 -8.03 6.47 0.39
CA ASP A 875 -8.32 7.85 0.73
C ASP A 875 -7.17 8.48 1.51
N ARG A 876 -6.51 7.70 2.35
CA ARG A 876 -5.42 8.26 3.12
C ARG A 876 -4.39 8.93 2.23
N SER A 877 -4.09 8.35 1.06
CA SER A 877 -3.07 8.92 0.19
C SER A 877 -3.62 9.94 -0.81
N LEU A 878 -4.79 9.70 -1.37
CA LEU A 878 -5.16 10.50 -2.51
C LEU A 878 -5.83 11.81 -2.14
N GLN A 879 -6.57 11.86 -1.04
CA GLN A 879 -7.42 13.01 -0.77
C GLN A 879 -6.65 14.31 -0.59
N GLY A 880 -5.43 14.25 -0.08
CA GLY A 880 -4.64 15.45 0.14
C GLY A 880 -4.57 15.85 1.61
N GLU A 881 -5.72 15.90 2.27
CA GLU A 881 -5.75 16.40 3.64
C GLU A 881 -5.21 15.40 4.68
N ARG A 882 -4.79 14.19 4.29
CA ARG A 882 -4.48 13.21 5.32
C ARG A 882 -2.99 12.87 5.33
N ASP A 883 -2.67 11.66 4.91
CA ASP A 883 -1.28 11.30 4.82
C ASP A 883 -0.60 12.17 3.78
N SER A 884 0.64 12.52 4.04
CA SER A 884 1.44 13.28 3.09
C SER A 884 2.13 12.31 2.13
N GLU A 885 2.12 12.63 0.83
CA GLU A 885 2.73 11.78 -0.19
C GLU A 885 3.55 12.58 -1.21
N LEU A 886 4.49 11.89 -1.85
CA LEU A 886 5.32 12.44 -2.91
C LEU A 886 5.27 11.54 -4.13
N ALA A 887 4.97 12.12 -5.30
CA ALA A 887 5.00 11.35 -6.54
C ALA A 887 5.53 12.20 -7.70
N VAL A 888 5.71 11.58 -8.85
CA VAL A 888 6.07 12.32 -10.05
C VAL A 888 5.20 11.86 -11.21
N MET A 889 4.88 12.80 -12.10
CA MET A 889 4.44 12.49 -13.45
C MET A 889 5.66 12.56 -14.33
N VAL A 890 5.79 11.63 -15.27
CA VAL A 890 6.97 11.56 -16.15
C VAL A 890 6.50 11.25 -17.56
N ARG A 891 7.03 11.99 -18.53
CA ARG A 891 6.83 11.74 -19.94
C ARG A 891 8.19 11.80 -20.62
N ASP A 892 8.33 11.09 -21.74
CA ASP A 892 9.60 11.06 -22.48
C ASP A 892 9.44 11.77 -23.82
N SER A 893 10.29 12.78 -24.04
CA SER A 893 10.35 13.47 -25.30
C SER A 893 11.08 12.68 -26.39
N GLU A 894 11.90 11.69 -26.01
CA GLU A 894 12.50 10.75 -26.97
C GLU A 894 11.43 9.78 -27.46
N PRO A 895 11.05 9.79 -28.74
CA PRO A 895 9.93 8.97 -29.20
C PRO A 895 10.35 7.59 -29.68
N LEU A 896 9.33 6.79 -29.98
CA LEU A 896 9.56 5.45 -30.50
C LEU A 896 8.25 4.93 -31.03
N THR A 897 8.33 4.06 -32.03
CA THR A 897 7.13 3.61 -32.73
C THR A 897 6.84 2.17 -32.39
N VAL A 898 5.60 1.89 -31.98
CA VAL A 898 5.21 0.53 -31.65
C VAL A 898 3.80 0.31 -32.17
N ARG A 899 3.43 -0.96 -32.27
CA ARG A 899 2.04 -1.32 -32.57
C ARG A 899 1.42 -1.79 -31.25
N LEU A 900 1.07 -0.81 -30.42
CA LEU A 900 0.57 -1.15 -29.09
C LEU A 900 -0.59 -2.12 -29.16
N ASP A 901 -1.35 -2.11 -30.26
CA ASP A 901 -2.44 -3.06 -30.42
C ASP A 901 -2.07 -4.12 -31.41
N GLY A 902 -0.79 -4.23 -31.74
CA GLY A 902 -0.32 -5.19 -32.73
C GLY A 902 -0.70 -4.88 -34.16
N LYS A 903 -1.43 -3.83 -34.40
CA LYS A 903 -1.76 -3.58 -35.78
C LYS A 903 -1.43 -2.16 -36.22
N ASN A 904 -1.76 -1.15 -35.41
CA ASN A 904 -1.65 0.24 -35.83
C ASN A 904 -0.44 0.90 -35.20
N ASP A 905 0.20 1.76 -35.98
CA ASP A 905 1.36 2.47 -35.46
C ASP A 905 0.88 3.41 -34.37
N ALA A 906 1.61 3.45 -33.27
CA ALA A 906 1.36 4.41 -32.21
C ALA A 906 2.71 4.88 -31.68
N ILE A 907 2.78 6.16 -31.31
CA ILE A 907 4.02 6.72 -30.78
C ILE A 907 3.98 6.73 -29.25
N VAL A 908 5.06 6.25 -28.64
CA VAL A 908 5.19 6.14 -27.20
C VAL A 908 6.48 6.81 -26.78
N GLY A 909 6.62 7.03 -25.47
CA GLY A 909 7.89 7.49 -24.91
C GLY A 909 8.82 6.32 -24.63
N LYS A 910 10.05 6.42 -25.13
CA LYS A 910 10.99 5.30 -25.07
C LYS A 910 11.18 4.79 -23.66
N ALA A 911 11.48 5.69 -22.72
CA ALA A 911 11.78 5.24 -21.36
C ALA A 911 10.54 4.68 -20.67
N ILE A 912 9.37 5.25 -20.96
CA ILE A 912 8.13 4.76 -20.35
C ILE A 912 7.78 3.39 -20.94
N HIS A 913 7.90 3.28 -22.26
CA HIS A 913 7.71 2.01 -22.93
C HIS A 913 8.60 0.93 -22.32
N GLN A 914 9.90 1.21 -22.17
CA GLN A 914 10.78 0.25 -21.53
C GLN A 914 10.27 -0.16 -20.16
N LEU A 915 10.03 0.84 -19.32
CA LEU A 915 9.66 0.55 -17.94
C LEU A 915 8.54 -0.48 -17.89
N ARG A 916 7.46 -0.24 -18.65
CA ARG A 916 6.37 -1.21 -18.60
C ARG A 916 6.81 -2.55 -19.17
N VAL A 917 7.61 -2.53 -20.23
CA VAL A 917 8.09 -3.79 -20.79
C VAL A 917 8.95 -4.49 -19.75
N ASN A 918 9.83 -3.72 -19.11
CA ASN A 918 10.76 -4.33 -18.17
C ASN A 918 10.02 -4.88 -16.95
N LEU A 919 9.00 -4.18 -16.46
CA LEU A 919 8.19 -4.75 -15.39
C LEU A 919 7.52 -6.03 -15.86
N TRP A 920 6.75 -5.94 -16.96
CA TRP A 920 6.09 -7.12 -17.51
C TRP A 920 7.05 -8.30 -17.66
N LYS A 921 8.33 -8.04 -17.87
CA LYS A 921 9.29 -9.14 -17.86
C LYS A 921 9.50 -9.65 -16.44
N LYS A 922 9.71 -8.74 -15.48
CA LYS A 922 9.90 -9.16 -14.09
C LYS A 922 8.81 -10.16 -13.68
N HIS A 923 7.55 -9.73 -13.71
CA HIS A 923 6.49 -10.62 -13.26
C HIS A 923 6.20 -11.78 -14.23
N PHE A 924 6.67 -11.75 -15.45
CA PHE A 924 6.47 -12.92 -16.31
C PHE A 924 7.57 -13.94 -16.14
N GLY A 925 8.51 -13.71 -15.23
CA GLY A 925 9.58 -14.66 -15.04
C GLY A 925 10.67 -14.61 -16.07
N LEU A 926 10.59 -13.68 -17.01
CA LEU A 926 11.54 -13.56 -18.10
C LEU A 926 12.80 -12.80 -17.70
N SER A 927 12.93 -12.46 -16.44
CA SER A 927 14.02 -11.62 -15.96
C SER A 927 14.81 -12.31 -14.86
N GLN A 928 14.29 -13.40 -14.31
CA GLN A 928 15.02 -14.06 -13.23
C GLN A 928 16.31 -14.64 -13.76
N GLY A 929 17.09 -15.20 -12.84
CA GLY A 929 18.33 -15.85 -13.19
C GLY A 929 18.31 -17.29 -12.73
N PRO A 930 19.49 -17.90 -12.69
CA PRO A 930 19.57 -19.31 -12.28
C PRO A 930 18.92 -19.52 -10.93
N GLY A 931 18.11 -20.55 -10.83
CA GLY A 931 17.51 -20.93 -9.56
C GLY A 931 16.04 -20.57 -9.51
N GLY A 932 15.44 -20.89 -8.39
CA GLY A 932 14.02 -20.68 -8.16
C GLY A 932 13.23 -21.89 -8.57
N PHE A 933 11.94 -21.86 -8.24
CA PHE A 933 11.05 -22.97 -8.60
C PHE A 933 10.00 -22.60 -9.62
N VAL A 934 10.14 -21.45 -10.29
CA VAL A 934 9.09 -20.97 -11.18
C VAL A 934 9.69 -20.70 -12.55
N LYS A 935 9.22 -21.45 -13.55
CA LYS A 935 9.82 -21.39 -14.87
C LYS A 935 9.47 -20.08 -15.57
N PRO A 936 10.40 -19.54 -16.37
CA PRO A 936 10.06 -18.40 -17.22
C PRO A 936 8.84 -18.70 -18.08
N ALA A 937 7.93 -17.72 -18.16
CA ALA A 937 6.66 -17.89 -18.87
C ALA A 937 6.75 -17.38 -20.33
N SER A 938 7.60 -18.07 -21.09
CA SER A 938 8.02 -17.55 -22.38
C SER A 938 6.90 -17.45 -23.40
N GLU A 939 5.83 -18.22 -23.22
CA GLU A 939 4.61 -18.05 -24.00
C GLU A 939 4.18 -16.60 -24.10
N LEU A 940 4.60 -15.79 -23.14
CA LEU A 940 4.20 -14.40 -23.04
C LEU A 940 5.20 -13.47 -23.71
N SER A 941 6.41 -13.94 -23.96
CA SER A 941 7.43 -13.04 -24.44
C SER A 941 7.07 -12.41 -25.77
N ALA A 942 6.05 -12.90 -26.45
CA ALA A 942 5.64 -12.21 -27.67
C ALA A 942 4.81 -10.97 -27.38
N TYR A 943 4.21 -10.87 -26.20
CA TYR A 943 3.22 -9.85 -25.95
C TYR A 943 3.78 -8.62 -25.23
N LEU A 944 5.08 -8.55 -24.95
CA LEU A 944 5.59 -7.40 -24.23
C LEU A 944 5.39 -6.09 -24.97
N SER A 945 5.32 -6.12 -26.30
CA SER A 945 5.25 -4.88 -27.06
C SER A 945 3.90 -4.68 -27.75
N ILE A 946 2.85 -5.34 -27.29
CA ILE A 946 1.53 -5.10 -27.89
C ILE A 946 0.50 -5.09 -26.78
N PRO A 947 0.70 -4.27 -25.75
CA PRO A 947 -0.16 -4.36 -24.56
C PRO A 947 -1.61 -4.07 -24.86
N ALA A 948 -1.92 -3.33 -25.91
CA ALA A 948 -3.29 -2.96 -26.20
C ALA A 948 -3.98 -3.92 -27.15
N ALA A 949 -3.22 -4.84 -27.75
CA ALA A 949 -3.81 -5.90 -28.55
C ALA A 949 -4.64 -6.81 -27.67
N GLN A 950 -5.71 -7.33 -28.23
CA GLN A 950 -6.58 -8.21 -27.47
C GLN A 950 -5.89 -9.52 -27.15
N GLU A 951 -5.27 -10.17 -28.14
CA GLU A 951 -4.45 -11.37 -27.90
C GLU A 951 -3.63 -11.26 -26.63
N ALA A 952 -3.08 -10.07 -26.37
CA ALA A 952 -2.14 -9.87 -25.28
C ALA A 952 -2.80 -10.08 -23.93
N TRP A 953 -3.88 -9.37 -23.68
CA TRP A 953 -4.50 -9.47 -22.38
C TRP A 953 -5.28 -10.76 -22.22
N GLU A 954 -5.61 -11.43 -23.32
CA GLU A 954 -6.19 -12.76 -23.21
C GLU A 954 -5.11 -13.76 -22.84
N ALA A 955 -3.92 -13.63 -23.44
CA ALA A 955 -2.79 -14.45 -23.06
C ALA A 955 -2.58 -14.38 -21.57
N ILE A 956 -2.35 -13.16 -21.07
CA ILE A 956 -2.07 -12.92 -19.66
C ILE A 956 -3.22 -13.41 -18.79
N GLN A 957 -4.45 -13.10 -19.20
CA GLN A 957 -5.61 -13.58 -18.46
C GLN A 957 -5.57 -15.10 -18.34
N THR A 958 -5.38 -15.79 -19.49
CA THR A 958 -5.40 -17.25 -19.55
C THR A 958 -4.34 -17.86 -18.62
N LEU A 959 -3.07 -17.47 -18.80
CA LEU A 959 -2.00 -17.99 -17.96
C LEU A 959 -2.26 -17.70 -16.48
N ALA A 960 -2.71 -16.49 -16.15
CA ALA A 960 -2.92 -16.20 -14.74
C ALA A 960 -4.04 -17.06 -14.17
N LYS A 961 -4.99 -17.49 -15.00
CA LYS A 961 -6.03 -18.40 -14.51
C LYS A 961 -5.47 -19.78 -14.32
N GLU A 962 -4.60 -20.21 -15.23
CA GLU A 962 -3.99 -21.53 -15.13
C GLU A 962 -3.01 -21.57 -13.95
N ASN A 963 -2.14 -20.56 -13.84
CA ASN A 963 -1.24 -20.44 -12.69
C ASN A 963 -2.02 -20.47 -11.36
N THR A 964 -3.12 -19.70 -11.27
CA THR A 964 -3.87 -19.76 -10.02
C THR A 964 -4.56 -21.10 -9.85
N ARG A 965 -5.05 -21.71 -10.96
CA ARG A 965 -5.69 -23.03 -10.86
C ARG A 965 -4.70 -24.07 -10.38
N ALA A 966 -3.46 -23.95 -10.85
CA ALA A 966 -2.41 -24.84 -10.40
C ALA A 966 -2.18 -24.73 -8.90
N TYR A 967 -2.03 -23.49 -8.38
CA TYR A 967 -1.87 -23.34 -6.93
C TYR A 967 -3.10 -23.85 -6.18
N GLU A 968 -4.30 -23.58 -6.71
CA GLU A 968 -5.50 -24.01 -6.02
C GLU A 968 -5.56 -25.53 -5.92
N ARG A 969 -5.04 -26.26 -6.92
CA ARG A 969 -5.08 -27.73 -6.89
C ARG A 969 -4.41 -28.30 -5.63
N THR A 970 -3.46 -27.56 -5.04
CA THR A 970 -2.71 -28.07 -3.91
C THR A 970 -2.93 -27.29 -2.64
N PHE A 971 -3.18 -25.98 -2.72
CA PHE A 971 -3.23 -25.08 -1.58
C PHE A 971 -4.67 -24.70 -1.26
N ASN A 972 -5.21 -25.25 -0.17
CA ASN A 972 -6.57 -24.90 0.23
C ASN A 972 -6.62 -23.70 1.18
N PHE A 973 -5.49 -23.03 1.44
CA PHE A 973 -5.46 -21.90 2.37
C PHE A 973 -5.30 -20.54 1.69
N ILE A 974 -4.71 -20.48 0.51
CA ILE A 974 -4.53 -19.20 -0.19
C ILE A 974 -5.89 -18.63 -0.55
N PRO A 975 -6.07 -17.31 -0.49
CA PRO A 975 -7.35 -16.72 -0.90
C PRO A 975 -7.71 -17.07 -2.34
N GLN A 976 -8.99 -17.29 -2.58
CA GLN A 976 -9.45 -17.94 -3.81
C GLN A 976 -10.97 -17.84 -3.84
N ASN A 977 -11.56 -18.32 -4.91
CA ASN A 977 -12.99 -18.05 -5.11
C ASN A 977 -13.88 -19.03 -4.35
N ILE A 978 -13.68 -20.33 -4.54
CA ILE A 978 -14.55 -21.33 -3.97
C ILE A 978 -13.87 -21.99 -2.78
N SER A 979 -14.55 -21.99 -1.63
CA SER A 979 -14.01 -22.64 -0.44
C SER A 979 -13.83 -24.12 -0.69
N GLN A 980 -12.73 -24.68 -0.18
CA GLN A 980 -12.55 -26.13 -0.29
C GLN A 980 -12.55 -26.83 1.06
N THR A 981 -12.96 -26.14 2.14
CA THR A 981 -13.23 -26.79 3.41
C THR A 981 -14.71 -26.81 3.72
N GLN A 982 -15.47 -25.91 3.10
CA GLN A 982 -16.90 -25.80 3.40
C GLN A 982 -17.68 -26.83 2.62
N LEU A 983 -18.40 -27.67 3.33
CA LEU A 983 -19.16 -28.76 2.76
C LEU A 983 -20.62 -28.36 2.68
N GLN A 984 -21.26 -28.71 1.56
CA GLN A 984 -22.72 -28.70 1.49
C GLN A 984 -23.27 -29.91 2.24
N LEU A 985 -24.20 -29.64 3.15
CA LEU A 985 -24.83 -30.66 3.97
C LEU A 985 -26.33 -30.72 3.66
N THR A 986 -26.71 -30.21 2.50
CA THR A 986 -28.08 -30.17 2.05
C THR A 986 -28.25 -31.10 0.86
N PRO A 987 -29.47 -31.46 0.51
CA PRO A 987 -29.67 -32.31 -0.68
C PRO A 987 -29.34 -31.59 -1.97
N GLU A 988 -29.80 -30.34 -2.10
CA GLU A 988 -29.58 -29.40 -3.17
C GLU A 988 -28.77 -28.22 -2.63
N PRO A 989 -27.80 -27.72 -3.38
CA PRO A 989 -27.04 -26.56 -2.91
C PRO A 989 -27.99 -25.43 -2.60
N PRO A 990 -27.78 -24.72 -1.48
CA PRO A 990 -28.73 -23.65 -1.11
C PRO A 990 -28.78 -22.55 -2.15
N LYS A 991 -29.60 -21.53 -1.89
CA LYS A 991 -29.80 -20.45 -2.84
C LYS A 991 -28.49 -19.74 -3.14
N GLY A 992 -28.11 -19.72 -4.42
CA GLY A 992 -26.92 -19.00 -4.86
C GLY A 992 -25.63 -19.78 -4.71
N PHE A 993 -25.58 -20.70 -3.76
CA PHE A 993 -24.38 -21.49 -3.56
C PHE A 993 -24.24 -22.59 -4.60
N GLU A 994 -24.97 -22.50 -5.71
CA GLU A 994 -24.64 -23.31 -6.87
C GLU A 994 -23.21 -23.03 -7.28
N ASP A 995 -22.56 -24.09 -7.78
CA ASP A 995 -21.20 -24.03 -8.31
C ASP A 995 -20.17 -24.05 -7.17
N GLY A 996 -20.60 -23.75 -5.96
CA GLY A 996 -19.72 -23.80 -4.81
C GLY A 996 -20.08 -22.72 -3.81
N PHE A 997 -19.30 -22.67 -2.74
CA PHE A 997 -19.47 -21.73 -1.66
C PHE A 997 -18.33 -20.72 -1.68
N PRO A 998 -18.61 -19.42 -1.61
CA PRO A 998 -17.52 -18.44 -1.61
C PRO A 998 -16.60 -18.63 -0.42
N ALA A 999 -15.30 -18.56 -0.69
CA ALA A 999 -14.29 -18.71 0.35
C ALA A 999 -14.31 -17.57 1.36
N SER A 1000 -14.04 -17.90 2.62
CA SER A 1000 -13.88 -16.86 3.63
C SER A 1000 -12.56 -16.13 3.48
N ILE A 1001 -12.56 -14.90 3.98
CA ILE A 1001 -11.35 -14.18 4.29
C ILE A 1001 -10.29 -15.18 4.79
N TRP A 1002 -10.66 -16.01 5.77
CA TRP A 1002 -9.84 -17.17 6.11
C TRP A 1002 -10.31 -18.38 5.32
N PRO A 1003 -9.61 -18.82 4.30
CA PRO A 1003 -10.16 -19.83 3.40
C PRO A 1003 -10.37 -21.21 4.00
N THR A 1004 -9.54 -21.67 4.95
CA THR A 1004 -9.83 -22.98 5.52
C THR A 1004 -10.94 -22.90 6.55
N TRP A 1005 -11.53 -21.74 6.75
CA TRP A 1005 -12.68 -21.65 7.61
C TRP A 1005 -13.83 -22.43 6.99
N ALA A 1006 -14.70 -22.98 7.84
CA ALA A 1006 -16.00 -23.46 7.40
C ALA A 1006 -17.06 -23.01 8.38
N TYR A 1007 -18.23 -22.66 7.86
CA TYR A 1007 -19.37 -22.35 8.71
C TYR A 1007 -19.99 -23.64 9.20
N ARG A 1008 -20.40 -23.65 10.47
CA ARG A 1008 -20.87 -24.89 11.08
C ARG A 1008 -22.18 -25.35 10.47
N LYS A 1009 -23.15 -24.44 10.37
CA LYS A 1009 -24.49 -24.75 9.89
C LYS A 1009 -24.73 -23.88 8.65
N PRO A 1010 -24.57 -24.43 7.41
CA PRO A 1010 -24.62 -23.58 6.20
C PRO A 1010 -25.95 -22.88 5.95
N GLY A 1011 -26.88 -22.96 6.89
CA GLY A 1011 -28.09 -22.16 6.88
C GLY A 1011 -28.03 -21.09 7.96
N GLU A 1012 -27.76 -21.51 9.19
CA GLU A 1012 -27.42 -20.57 10.27
C GLU A 1012 -25.94 -20.17 10.10
N LEU A 1013 -25.69 -19.39 9.04
CA LEU A 1013 -24.41 -18.73 8.91
C LEU A 1013 -24.07 -17.93 10.17
N ARG A 1014 -25.10 -17.46 10.89
CA ARG A 1014 -24.86 -16.73 12.14
C ARG A 1014 -24.32 -17.66 13.23
N ALA A 1015 -24.68 -18.94 13.20
CA ALA A 1015 -24.22 -19.85 14.24
C ALA A 1015 -22.70 -19.78 14.43
N GLY A 1016 -21.95 -19.61 13.35
CA GLY A 1016 -20.52 -19.60 13.47
C GLY A 1016 -19.87 -20.76 12.72
N GLY A 1017 -18.71 -21.18 13.21
CA GLY A 1017 -17.89 -22.15 12.51
C GLY A 1017 -16.48 -22.13 13.08
N GLN A 1018 -15.56 -22.70 12.31
CA GLN A 1018 -14.18 -22.80 12.78
C GLN A 1018 -13.25 -23.05 11.61
N LEU A 1019 -11.96 -23.14 11.92
CA LEU A 1019 -10.92 -23.38 10.93
C LEU A 1019 -10.78 -24.88 10.73
N MET A 1020 -11.34 -25.39 9.63
CA MET A 1020 -11.25 -26.83 9.38
C MET A 1020 -9.82 -27.30 9.25
N GLU A 1021 -8.90 -26.41 8.90
CA GLU A 1021 -7.52 -26.76 8.64
C GLU A 1021 -6.67 -25.55 9.01
N PRO A 1022 -5.35 -25.73 9.11
CA PRO A 1022 -4.50 -24.61 9.54
C PRO A 1022 -4.32 -23.56 8.46
N MET A 1023 -4.07 -22.32 8.92
CA MET A 1023 -3.68 -21.16 8.13
C MET A 1023 -2.19 -20.91 8.29
N PRO A 1024 -1.53 -20.31 7.31
CA PRO A 1024 -0.10 -19.98 7.49
C PRO A 1024 0.20 -19.18 8.77
N TYR A 1025 -0.68 -18.25 9.14
CA TYR A 1025 -0.34 -17.41 10.26
C TYR A 1025 -0.26 -18.16 11.58
N GLN A 1026 -0.66 -19.43 11.59
CA GLN A 1026 -0.71 -20.22 12.81
C GLN A 1026 0.59 -20.98 13.03
N GLU A 1027 1.03 -21.00 14.29
CA GLU A 1027 2.19 -21.81 14.68
C GLU A 1027 2.02 -23.24 14.20
N ILE A 1028 0.87 -23.84 14.50
CA ILE A 1028 0.56 -25.20 14.07
C ILE A 1028 0.63 -25.39 12.56
N PHE A 1029 0.74 -24.32 11.78
CA PHE A 1029 1.02 -24.50 10.36
C PHE A 1029 2.42 -25.04 10.13
N TRP A 1030 3.32 -24.90 11.10
CA TRP A 1030 4.73 -25.00 10.80
C TRP A 1030 5.47 -25.99 11.68
N ARG A 1031 5.10 -26.09 12.94
CA ARG A 1031 5.67 -27.08 13.84
C ARG A 1031 4.56 -27.98 14.36
N SER A 1032 4.83 -29.28 14.38
CA SER A 1032 3.88 -30.23 14.95
C SER A 1032 3.80 -29.97 16.46
N SER A 1033 2.70 -29.39 16.91
CA SER A 1033 2.44 -29.42 18.34
C SER A 1033 2.48 -30.88 18.77
N ASN A 1034 2.99 -31.13 19.99
CA ASN A 1034 3.33 -32.51 20.34
C ASN A 1034 2.14 -33.46 20.17
N LEU A 1035 0.92 -32.98 20.43
CA LEU A 1035 -0.30 -33.73 20.14
C LEU A 1035 -0.46 -34.06 18.65
N THR A 1036 -0.67 -33.04 17.81
CA THR A 1036 -1.05 -33.23 16.41
C THR A 1036 0.12 -32.90 15.46
N SER A 1037 0.03 -33.41 14.24
CA SER A 1037 1.18 -33.43 13.35
C SER A 1037 1.08 -32.35 12.25
N VAL A 1038 2.21 -32.08 11.58
CA VAL A 1038 2.29 -31.04 10.54
C VAL A 1038 1.68 -31.55 9.25
N LYS A 1039 0.72 -30.80 8.69
CA LYS A 1039 0.23 -31.06 7.33
C LYS A 1039 1.28 -30.61 6.30
N THR A 1040 1.18 -31.17 5.08
CA THR A 1040 2.03 -30.67 4.00
C THR A 1040 1.31 -30.88 2.68
N PHE A 1041 1.92 -30.40 1.60
CA PHE A 1041 1.21 -30.12 0.37
C PHE A 1041 1.98 -30.54 -0.85
N PRO A 1042 1.31 -31.14 -1.83
CA PRO A 1042 1.91 -31.37 -3.17
C PRO A 1042 2.43 -30.08 -3.79
N PRO A 1043 3.61 -30.11 -4.40
CA PRO A 1043 4.11 -28.95 -5.12
C PRO A 1043 3.19 -28.56 -6.26
N PRO A 1044 2.97 -27.25 -6.46
CA PRO A 1044 2.17 -26.82 -7.61
C PRO A 1044 2.82 -27.24 -8.91
N ASN A 1045 2.00 -27.80 -9.79
CA ASN A 1045 2.47 -28.45 -11.01
C ASN A 1045 2.22 -27.56 -12.23
N GLY A 1046 3.30 -27.12 -12.87
CA GLY A 1046 3.22 -26.39 -14.11
C GLY A 1046 2.74 -24.96 -13.92
N VAL A 1047 3.30 -24.32 -12.98
CA VAL A 1047 3.13 -22.89 -12.87
C VAL A 1047 4.22 -22.26 -13.72
N SER A 1048 3.93 -21.11 -14.28
CA SER A 1048 4.89 -20.46 -15.15
C SER A 1048 4.74 -18.97 -14.89
N GLY A 1049 5.85 -18.29 -14.58
CA GLY A 1049 5.78 -16.87 -14.23
C GLY A 1049 5.16 -16.66 -12.85
N PHE A 1050 4.97 -15.40 -12.49
CA PHE A 1050 4.50 -15.06 -11.16
C PHE A 1050 3.09 -14.55 -11.15
N ILE A 1051 2.46 -14.57 -12.29
CA ILE A 1051 1.25 -13.82 -12.52
C ILE A 1051 0.08 -14.69 -12.03
N THR A 1052 -0.95 -14.09 -11.41
CA THR A 1052 -2.01 -14.84 -10.74
C THR A 1052 -3.36 -14.17 -10.95
N ALA A 1053 -4.43 -14.91 -10.76
CA ALA A 1053 -5.75 -14.36 -10.99
C ALA A 1053 -6.34 -13.88 -9.67
N LEU A 1054 -6.82 -12.66 -9.67
CA LEU A 1054 -7.37 -12.10 -8.45
C LEU A 1054 -8.72 -12.74 -8.15
N PRO A 1055 -8.89 -13.33 -7.00
CA PRO A 1055 -10.16 -14.00 -6.70
C PRO A 1055 -11.33 -13.05 -6.65
N THR A 1056 -12.12 -12.96 -7.73
CA THR A 1056 -13.26 -12.05 -7.75
C THR A 1056 -14.40 -12.49 -6.85
N SER A 1057 -14.33 -13.68 -6.27
CA SER A 1057 -15.39 -14.18 -5.38
C SER A 1057 -14.98 -14.24 -3.93
N TRP A 1058 -13.69 -14.14 -3.61
CA TRP A 1058 -13.23 -14.21 -2.22
C TRP A 1058 -13.98 -13.24 -1.31
N THR A 1059 -14.45 -13.73 -0.15
CA THR A 1059 -15.13 -12.96 0.88
C THR A 1059 -16.60 -12.69 0.54
N ARG A 1060 -17.09 -13.11 -0.63
CA ARG A 1060 -18.47 -12.81 -0.99
C ARG A 1060 -19.41 -13.27 0.10
N GLY A 1061 -20.23 -12.35 0.58
CA GLY A 1061 -21.13 -12.65 1.67
C GLY A 1061 -20.63 -12.25 3.03
N GLU A 1062 -19.31 -12.15 3.22
CA GLU A 1062 -18.76 -11.80 4.52
C GLU A 1062 -18.60 -10.29 4.67
N ARG A 1063 -19.16 -9.75 5.75
CA ARG A 1063 -18.90 -8.38 6.19
C ARG A 1063 -17.81 -8.44 7.25
N ASN A 1064 -16.58 -8.15 6.86
CA ASN A 1064 -15.45 -8.16 7.79
C ASN A 1064 -15.15 -6.74 8.25
N ASP A 1065 -16.03 -6.22 9.12
CA ASP A 1065 -15.93 -4.85 9.61
C ASP A 1065 -15.30 -4.83 11.00
N SER A 1066 -14.05 -4.38 11.07
CA SER A 1066 -13.35 -4.37 12.36
C SER A 1066 -14.00 -3.44 13.38
N GLY A 1067 -14.82 -2.49 12.95
CA GLY A 1067 -15.39 -1.53 13.86
C GLY A 1067 -14.52 -0.34 14.15
N LEU A 1068 -13.36 -0.22 13.50
CA LEU A 1068 -12.60 1.01 13.60
C LEU A 1068 -13.17 2.07 12.68
N ASN A 1069 -13.07 3.31 13.11
CA ASN A 1069 -13.50 4.47 12.34
C ASN A 1069 -13.05 4.34 10.89
N LEU A 1070 -14.02 4.34 9.98
CA LEU A 1070 -13.73 4.08 8.58
C LEU A 1070 -12.75 5.10 7.99
N SER A 1071 -12.80 6.34 8.46
CA SER A 1071 -11.86 7.34 7.97
C SER A 1071 -10.41 6.97 8.24
N ILE A 1072 -10.17 6.09 9.21
CA ILE A 1072 -8.81 5.61 9.42
C ILE A 1072 -8.46 4.50 8.46
N LEU A 1073 -9.44 3.71 8.04
CA LEU A 1073 -9.14 2.63 7.11
C LEU A 1073 -9.36 3.04 5.65
N ALA A 1074 -9.91 4.22 5.41
CA ALA A 1074 -10.33 4.60 4.07
C ALA A 1074 -9.12 4.88 3.21
#